data_6IFF
#
_entry.id   6IFF
#
_cell.length_a   52.480
_cell.length_b   57.658
_cell.length_c   69.786
_cell.angle_alpha   89.66
_cell.angle_beta   82.07
_cell.angle_gamma   67.54
#
_symmetry.space_group_name_H-M   'P 1'
#
loop_
_entity.id
_entity.type
_entity.pdbx_description
1 polymer 'Zinc metalloprotease'
2 non-polymer 'ZINC ION'
3 non-polymer TYROSINE
4 non-polymer 'SODIUM ION'
5 water water
#
_entity_poly.entity_id   1
_entity_poly.type   'polypeptide(L)'
_entity_poly.pdbx_seq_one_letter_code
;MASWSHPQFEKGSSHHHHHHSSGSGGGGGENLYFQGSQSVGDSIFPSLGQRGLDVQHYDLHLTVPRPGEPHLSGDVTLTV
GAREPLSRIVLDLLGPRVSAAQWNGQRVRWVQTAQKVEVTLPRPLRPGETGRLRLIYAGTPELSGDPGLPIRPGWQNEAG
LSYSLSEPHGTRGFLPCNDHPSDPATFTVRVTVPASASAAASGLFTTQTERNGLKTLTFTQRVPVPTYALGLIVGPLERR
TAPDVQLGTQTVHRRDIYAAGLPAGTTVPEGETARMLRVLSDWFGPYPDEVYGVALLPVRQLALETAGLTTMPATSNRER
VRLHALAHQWFGDQVTLADWADTWLSEGFATYAELLWAESQGEDGQAMAADWYARLSVLPSRPLRATREEEIFDASAYFR
GALALHALRLKVGDAAFGQFLHSYVKTFTGRPVSTTALLTLVKTQLGAEAEQTLRVWVEGRTLPPLPEPVGAPV
;
_entity_poly.pdbx_strand_id   A,B
#
loop_
_chem_comp.id
_chem_comp.type
_chem_comp.name
_chem_comp.formula
NA non-polymer 'SODIUM ION' 'Na 1'
ZN non-polymer 'ZINC ION' 'Zn 2'
#
# COMPACT_ATOMS: atom_id res chain seq x y z
N GLN A 38 -7.11 -5.05 12.89
CA GLN A 38 -7.40 -4.16 11.78
C GLN A 38 -7.70 -4.96 10.50
N SER A 39 -6.67 -5.46 9.85
CA SER A 39 -6.84 -6.21 8.60
C SER A 39 -7.30 -7.63 8.90
N VAL A 40 -7.53 -8.40 7.84
CA VAL A 40 -7.88 -9.80 8.04
C VAL A 40 -6.77 -10.53 8.78
N GLY A 41 -5.53 -10.03 8.66
CA GLY A 41 -4.41 -10.66 9.34
C GLY A 41 -3.81 -11.81 8.59
N ASP A 42 -3.96 -11.83 7.26
CA ASP A 42 -3.42 -12.91 6.45
C ASP A 42 -1.92 -13.05 6.69
N SER A 43 -1.45 -14.30 6.78
CA SER A 43 -0.03 -14.52 7.04
C SER A 43 0.86 -14.14 5.86
N ILE A 44 0.34 -14.12 4.64
CA ILE A 44 1.13 -13.79 3.46
C ILE A 44 0.95 -12.33 3.05
N PHE A 45 -0.28 -11.83 3.13
CA PHE A 45 -0.63 -10.48 2.69
C PHE A 45 -1.24 -9.77 3.89
N PRO A 46 -0.41 -9.28 4.81
CA PRO A 46 -0.93 -8.88 6.13
C PRO A 46 -1.76 -7.60 6.14
N SER A 47 -1.84 -6.83 5.05
CA SER A 47 -2.61 -5.59 5.06
C SER A 47 -4.00 -5.71 4.43
N LEU A 48 -4.28 -6.80 3.72
CA LEU A 48 -5.51 -6.92 2.96
C LEU A 48 -6.71 -7.16 3.88
N GLY A 49 -7.88 -6.69 3.42
CA GLY A 49 -9.15 -6.98 4.07
C GLY A 49 -9.36 -6.26 5.38
N GLN A 50 -10.54 -6.39 5.97
CA GLN A 50 -10.85 -5.79 7.26
C GLN A 50 -11.34 -6.88 8.20
N ARG A 51 -10.69 -7.01 9.35
CA ARG A 51 -11.11 -7.97 10.34
C ARG A 51 -12.58 -7.79 10.68
N GLY A 52 -13.34 -8.87 10.62
CA GLY A 52 -14.73 -8.84 11.03
C GLY A 52 -15.72 -8.42 9.95
N LEU A 53 -15.25 -7.87 8.84
CA LEU A 53 -16.16 -7.45 7.79
C LEU A 53 -16.70 -8.66 7.03
N ASP A 54 -18.01 -8.68 6.79
CA ASP A 54 -18.65 -9.71 5.99
C ASP A 54 -19.39 -9.02 4.83
N VAL A 55 -18.68 -8.81 3.72
CA VAL A 55 -19.37 -8.34 2.52
C VAL A 55 -20.25 -9.47 2.02
N GLN A 56 -21.55 -9.23 1.90
CA GLN A 56 -22.45 -10.29 1.47
C GLN A 56 -22.81 -10.21 0.00
N HIS A 57 -22.80 -9.02 -0.58
CA HIS A 57 -23.21 -8.85 -1.97
C HIS A 57 -22.55 -7.60 -2.54
N TYR A 58 -22.00 -7.71 -3.75
CA TYR A 58 -21.52 -6.57 -4.50
C TYR A 58 -22.50 -6.30 -5.64
N ASP A 59 -23.02 -5.08 -5.71
CA ASP A 59 -23.83 -4.66 -6.84
C ASP A 59 -23.02 -3.61 -7.60
N LEU A 60 -22.37 -4.05 -8.67
CA LEU A 60 -21.38 -3.26 -9.38
C LEU A 60 -21.92 -2.82 -10.74
N HIS A 61 -21.80 -1.52 -11.02
CA HIS A 61 -21.95 -1.00 -12.38
C HIS A 61 -20.59 -0.48 -12.81
N LEU A 62 -19.93 -1.21 -13.71
CA LEU A 62 -18.61 -0.86 -14.20
C LEU A 62 -18.74 -0.35 -15.64
N THR A 63 -18.11 0.79 -15.93
CA THR A 63 -18.14 1.36 -17.26
C THR A 63 -16.73 1.40 -17.82
N VAL A 64 -16.52 0.76 -18.95
CA VAL A 64 -15.22 0.69 -19.61
C VAL A 64 -15.33 1.41 -20.95
N PRO A 65 -14.85 2.65 -21.05
CA PRO A 65 -15.05 3.41 -22.29
C PRO A 65 -14.25 2.85 -23.46
N ARG A 66 -13.04 2.33 -23.22
CA ARG A 66 -12.18 1.85 -24.29
C ARG A 66 -11.55 0.52 -23.91
N PRO A 67 -12.21 -0.60 -24.22
CA PRO A 67 -11.63 -1.92 -23.89
C PRO A 67 -10.22 -2.05 -24.44
N GLY A 68 -9.32 -2.59 -23.62
CA GLY A 68 -7.91 -2.65 -23.95
C GLY A 68 -7.09 -1.51 -23.39
N GLU A 69 -7.73 -0.52 -22.79
CA GLU A 69 -7.07 0.55 -22.07
C GLU A 69 -7.62 0.62 -20.66
N PRO A 70 -6.78 0.91 -19.66
CA PRO A 70 -7.15 0.59 -18.28
C PRO A 70 -8.16 1.54 -17.65
N HIS A 71 -8.37 2.73 -18.20
CA HIS A 71 -9.24 3.67 -17.51
C HIS A 71 -10.65 3.12 -17.40
N LEU A 72 -11.28 3.34 -16.25
CA LEU A 72 -12.65 2.88 -16.07
C LEU A 72 -13.31 3.72 -14.98
N SER A 73 -14.62 3.53 -14.85
CA SER A 73 -15.38 4.19 -13.81
C SER A 73 -16.35 3.17 -13.22
N GLY A 74 -16.70 3.36 -11.96
CA GLY A 74 -17.44 2.36 -11.23
C GLY A 74 -18.46 2.99 -10.30
N ASP A 75 -19.55 2.27 -10.11
CA ASP A 75 -20.62 2.62 -9.18
C ASP A 75 -21.06 1.31 -8.53
N VAL A 76 -20.69 1.10 -7.27
CA VAL A 76 -20.92 -0.17 -6.58
C VAL A 76 -21.63 0.09 -5.27
N THR A 77 -22.57 -0.80 -4.93
CA THR A 77 -23.20 -0.82 -3.60
C THR A 77 -22.89 -2.17 -2.96
N LEU A 78 -22.19 -2.13 -1.83
CA LEU A 78 -21.92 -3.33 -1.05
C LEU A 78 -22.99 -3.51 0.02
N THR A 79 -23.56 -4.70 0.09
CA THR A 79 -24.36 -5.09 1.25
C THR A 79 -23.41 -5.79 2.23
N VAL A 80 -23.24 -5.20 3.42
CA VAL A 80 -22.21 -5.62 4.36
C VAL A 80 -22.86 -5.96 5.69
N GLY A 81 -22.42 -7.09 6.27
CA GLY A 81 -22.63 -7.38 7.66
C GLY A 81 -21.32 -7.42 8.42
N ALA A 82 -21.39 -7.89 9.66
CA ALA A 82 -20.22 -7.84 10.51
C ALA A 82 -20.22 -9.03 11.47
N ARG A 83 -19.02 -9.52 11.77
CA ARG A 83 -18.83 -10.56 12.77
C ARG A 83 -18.43 -10.00 14.12
N GLU A 84 -18.12 -8.70 14.18
CA GLU A 84 -17.85 -7.97 15.40
C GLU A 84 -18.25 -6.53 15.16
N PRO A 85 -18.50 -5.77 16.21
CA PRO A 85 -18.90 -4.36 16.02
C PRO A 85 -17.88 -3.63 15.16
N LEU A 86 -18.35 -3.02 14.09
CA LEU A 86 -17.49 -2.25 13.20
C LEU A 86 -17.90 -0.78 13.26
N SER A 87 -16.96 0.08 13.63
N SER A 87 -16.96 0.08 13.63
CA SER A 87 -17.19 1.51 13.63
CA SER A 87 -17.19 1.51 13.62
C SER A 87 -16.90 2.15 12.27
C SER A 87 -16.90 2.15 12.27
N ARG A 88 -16.12 1.47 11.43
CA ARG A 88 -15.81 1.92 10.09
C ARG A 88 -15.87 0.71 9.17
N ILE A 89 -16.13 0.96 7.89
CA ILE A 89 -15.96 -0.04 6.84
C ILE A 89 -14.67 0.30 6.10
N VAL A 90 -13.78 -0.69 5.97
CA VAL A 90 -12.47 -0.46 5.38
C VAL A 90 -12.29 -1.42 4.22
N LEU A 91 -12.13 -0.87 3.02
CA LEU A 91 -12.09 -1.65 1.79
C LEU A 91 -10.75 -1.47 1.10
N ASP A 92 -10.36 -2.49 0.35
CA ASP A 92 -9.17 -2.42 -0.48
C ASP A 92 -9.46 -1.76 -1.81
N LEU A 93 -8.57 -0.86 -2.23
CA LEU A 93 -8.72 -0.18 -3.52
C LEU A 93 -7.35 0.33 -3.94
N LEU A 94 -6.96 0.02 -5.17
CA LEU A 94 -5.59 0.26 -5.65
C LEU A 94 -5.65 0.86 -7.05
N GLY A 95 -5.66 2.19 -7.12
CA GLY A 95 -5.62 2.87 -8.40
C GLY A 95 -6.72 3.90 -8.60
N PRO A 96 -7.95 3.43 -8.77
CA PRO A 96 -9.08 4.36 -8.94
C PRO A 96 -9.26 5.23 -7.70
N ARG A 97 -9.84 6.41 -7.90
CA ARG A 97 -10.10 7.36 -6.83
C ARG A 97 -11.60 7.46 -6.59
N VAL A 98 -12.00 7.35 -5.31
CA VAL A 98 -13.39 7.51 -4.95
C VAL A 98 -13.76 8.99 -5.02
N SER A 99 -14.93 9.28 -5.60
CA SER A 99 -15.39 10.66 -5.67
C SER A 99 -16.63 10.94 -4.85
N ALA A 100 -17.35 9.90 -4.40
CA ALA A 100 -18.55 10.08 -3.59
C ALA A 100 -18.83 8.78 -2.86
N ALA A 101 -19.50 8.88 -1.72
CA ALA A 101 -19.85 7.70 -0.94
C ALA A 101 -21.15 7.96 -0.19
N GLN A 102 -21.94 6.91 -0.04
CA GLN A 102 -23.17 6.99 0.73
C GLN A 102 -23.33 5.73 1.56
N TRP A 103 -24.01 5.89 2.69
CA TRP A 103 -24.33 4.81 3.62
C TRP A 103 -25.84 4.78 3.79
N ASN A 104 -26.46 3.69 3.37
CA ASN A 104 -27.91 3.58 3.40
C ASN A 104 -28.56 4.78 2.72
N GLY A 105 -27.92 5.24 1.64
CA GLY A 105 -28.47 6.30 0.83
C GLY A 105 -28.25 7.70 1.36
N GLN A 106 -27.48 7.83 2.43
CA GLN A 106 -27.18 9.13 3.03
C GLN A 106 -25.70 9.44 2.93
N ARG A 107 -25.41 10.73 3.00
CA ARG A 107 -24.04 11.20 3.03
C ARG A 107 -23.30 10.56 4.20
N VAL A 108 -22.01 10.31 4.01
CA VAL A 108 -21.20 9.63 5.02
C VAL A 108 -19.76 10.13 4.90
N ARG A 109 -19.07 10.15 6.03
CA ARG A 109 -17.66 10.54 6.06
C ARG A 109 -16.78 9.41 5.54
N TRP A 110 -15.85 9.73 4.65
CA TRP A 110 -14.95 8.73 4.09
C TRP A 110 -13.61 9.36 3.77
N VAL A 111 -12.58 8.53 3.68
CA VAL A 111 -11.26 8.98 3.27
C VAL A 111 -10.61 7.84 2.50
N GLN A 112 -9.85 8.19 1.47
CA GLN A 112 -9.08 7.21 0.73
C GLN A 112 -7.63 7.42 1.14
N THR A 113 -7.04 6.40 1.75
CA THR A 113 -5.67 6.49 2.27
C THR A 113 -4.87 5.30 1.80
N ALA A 114 -3.74 5.59 1.14
CA ALA A 114 -2.84 4.58 0.58
C ALA A 114 -3.57 3.60 -0.32
N GLN A 115 -3.88 2.41 0.19
CA GLN A 115 -4.49 1.34 -0.58
C GLN A 115 -5.84 0.95 -0.01
N LYS A 116 -6.46 1.86 0.75
CA LYS A 116 -7.72 1.61 1.42
C LYS A 116 -8.68 2.77 1.21
N VAL A 117 -9.96 2.44 1.30
CA VAL A 117 -11.03 3.41 1.48
C VAL A 117 -11.65 3.12 2.85
N GLU A 118 -11.71 4.15 3.70
CA GLU A 118 -12.20 4.03 5.06
C GLU A 118 -13.46 4.86 5.22
N VAL A 119 -14.57 4.21 5.56
CA VAL A 119 -15.87 4.85 5.73
C VAL A 119 -16.24 4.84 7.21
N THR A 120 -16.39 6.03 7.78
CA THR A 120 -16.78 6.18 9.17
C THR A 120 -18.30 6.11 9.27
N LEU A 121 -18.80 5.15 10.04
CA LEU A 121 -20.24 4.93 10.15
C LEU A 121 -20.86 5.88 11.17
N PRO A 122 -22.13 6.23 11.01
CA PRO A 122 -22.81 7.05 12.04
C PRO A 122 -22.94 6.36 13.38
N ARG A 123 -22.91 5.03 13.41
CA ARG A 123 -22.88 4.22 14.61
C ARG A 123 -22.43 2.81 14.22
N PRO A 124 -21.94 2.02 15.17
CA PRO A 124 -21.27 0.76 14.79
C PRO A 124 -22.22 -0.18 14.08
N LEU A 125 -21.68 -0.89 13.09
CA LEU A 125 -22.37 -2.01 12.46
C LEU A 125 -22.12 -3.25 13.30
N ARG A 126 -23.19 -3.87 13.80
CA ARG A 126 -23.01 -4.95 14.76
C ARG A 126 -23.54 -6.26 14.20
N PRO A 127 -23.03 -7.40 14.67
CA PRO A 127 -23.43 -8.69 14.11
C PRO A 127 -24.94 -8.85 14.05
N GLY A 128 -25.43 -9.30 12.91
CA GLY A 128 -26.85 -9.44 12.67
C GLY A 128 -27.48 -8.28 11.91
N GLU A 129 -26.80 -7.14 11.84
CA GLU A 129 -27.25 -5.99 11.06
C GLU A 129 -26.55 -5.97 9.70
N THR A 130 -27.16 -5.27 8.75
CA THR A 130 -26.54 -5.01 7.46
C THR A 130 -26.73 -3.55 7.09
N GLY A 131 -25.88 -3.06 6.18
CA GLY A 131 -26.02 -1.74 5.63
C GLY A 131 -25.55 -1.74 4.19
N ARG A 132 -25.89 -0.68 3.47
CA ARG A 132 -25.57 -0.57 2.05
C ARG A 132 -24.58 0.58 1.87
N LEU A 133 -23.36 0.22 1.46
CA LEU A 133 -22.29 1.18 1.25
C LEU A 133 -22.14 1.39 -0.25
N ARG A 134 -22.40 2.61 -0.72
CA ARG A 134 -22.29 2.92 -2.13
C ARG A 134 -21.08 3.80 -2.36
N LEU A 135 -20.27 3.45 -3.36
CA LEU A 135 -19.05 4.16 -3.71
C LEU A 135 -19.04 4.47 -5.20
N ILE A 136 -18.76 5.73 -5.53
CA ILE A 136 -18.55 6.19 -6.90
C ILE A 136 -17.06 6.43 -7.09
N TYR A 137 -16.49 5.86 -8.17
CA TYR A 137 -15.05 5.91 -8.34
C TYR A 137 -14.67 5.87 -9.82
N ALA A 138 -13.45 6.31 -10.10
CA ALA A 138 -12.97 6.33 -11.47
C ALA A 138 -11.45 6.41 -11.46
N GLY A 139 -10.83 5.90 -12.50
CA GLY A 139 -9.39 6.03 -12.62
C GLY A 139 -8.76 4.81 -13.28
N THR A 140 -7.50 4.59 -12.93
CA THR A 140 -6.71 3.53 -13.55
C THR A 140 -6.35 2.45 -12.56
N PRO A 141 -6.88 1.24 -12.71
CA PRO A 141 -6.46 0.13 -11.86
C PRO A 141 -4.96 -0.11 -11.96
N GLU A 142 -4.36 -0.49 -10.84
CA GLU A 142 -2.95 -0.82 -10.80
C GLU A 142 -2.76 -2.32 -10.58
N LEU A 143 -1.76 -2.88 -11.26
CA LEU A 143 -1.43 -4.29 -11.13
C LEU A 143 -0.50 -4.50 -9.95
N SER A 144 -0.79 -5.54 -9.16
CA SER A 144 0.03 -5.89 -7.99
C SER A 144 1.34 -6.55 -8.40
N GLY A 148 7.24 -12.28 -6.77
CA GLY A 148 7.14 -13.69 -6.44
C GLY A 148 5.93 -14.44 -6.98
N LEU A 149 4.95 -13.71 -7.53
CA LEU A 149 3.73 -14.32 -8.03
C LEU A 149 3.88 -14.76 -9.48
N PRO A 150 3.04 -15.70 -9.94
CA PRO A 150 3.14 -16.15 -11.33
C PRO A 150 2.77 -15.07 -12.34
N ILE A 151 1.86 -14.16 -11.97
CA ILE A 151 1.42 -13.08 -12.84
C ILE A 151 1.38 -11.80 -12.00
N ARG A 152 1.25 -10.67 -12.70
CA ARG A 152 0.98 -9.41 -12.02
C ARG A 152 -0.54 -9.28 -11.97
N PRO A 153 -1.16 -9.58 -10.84
CA PRO A 153 -2.63 -9.76 -10.82
C PRO A 153 -3.37 -8.45 -10.82
N GLY A 154 -4.54 -8.48 -11.46
CA GLY A 154 -5.41 -7.32 -11.47
C GLY A 154 -6.14 -7.17 -12.78
N TRP A 155 -6.48 -5.93 -13.10
CA TRP A 155 -7.22 -5.56 -14.29
C TRP A 155 -6.24 -5.55 -15.47
N GLN A 156 -6.35 -6.56 -16.34
CA GLN A 156 -5.46 -6.71 -17.48
C GLN A 156 -6.00 -5.95 -18.69
N ASN A 157 -5.06 -5.45 -19.50
CA ASN A 157 -5.39 -4.71 -20.72
C ASN A 157 -4.40 -5.11 -21.79
N GLU A 158 -4.92 -5.63 -22.90
CA GLU A 158 -4.04 -6.01 -24.00
C GLU A 158 -4.90 -6.36 -25.21
N ALA A 159 -4.46 -5.92 -26.38
CA ALA A 159 -5.05 -6.32 -27.66
C ALA A 159 -6.56 -6.11 -27.67
N GLY A 160 -6.98 -4.90 -27.27
CA GLY A 160 -8.38 -4.56 -27.31
C GLY A 160 -9.25 -5.24 -26.28
N LEU A 161 -8.65 -5.91 -25.30
CA LEU A 161 -9.39 -6.59 -24.24
C LEU A 161 -8.98 -6.02 -22.89
N SER A 162 -9.96 -5.89 -22.00
CA SER A 162 -9.71 -5.63 -20.59
C SER A 162 -10.42 -6.71 -19.78
N TYR A 163 -9.71 -7.30 -18.82
CA TYR A 163 -10.30 -8.42 -18.10
C TYR A 163 -9.61 -8.60 -16.75
N SER A 164 -10.36 -9.15 -15.80
CA SER A 164 -9.82 -9.43 -14.48
C SER A 164 -9.06 -10.75 -14.50
N LEU A 165 -7.83 -10.70 -14.01
CA LEU A 165 -7.03 -11.91 -13.74
C LEU A 165 -6.35 -11.57 -12.43
N SER A 166 -7.06 -11.76 -11.32
CA SER A 166 -6.78 -11.01 -10.11
C SER A 166 -6.39 -11.89 -8.92
N GLU A 167 -6.14 -13.17 -9.13
CA GLU A 167 -5.71 -13.96 -7.98
C GLU A 167 -4.24 -13.68 -7.71
N PRO A 168 -3.83 -13.42 -6.46
CA PRO A 168 -4.69 -13.48 -5.27
C PRO A 168 -5.37 -12.15 -4.92
N HIS A 169 -4.70 -11.02 -5.12
CA HIS A 169 -5.19 -9.77 -4.54
C HIS A 169 -5.25 -8.66 -5.57
N GLY A 170 -5.77 -8.96 -6.76
CA GLY A 170 -5.87 -7.93 -7.79
C GLY A 170 -7.23 -7.26 -7.96
N THR A 171 -8.30 -7.83 -7.38
CA THR A 171 -9.63 -7.28 -7.63
C THR A 171 -9.76 -5.86 -7.12
N ARG A 172 -9.09 -5.53 -6.02
CA ARG A 172 -9.09 -4.17 -5.48
C ARG A 172 -8.61 -3.14 -6.51
N GLY A 173 -8.00 -3.58 -7.61
CA GLY A 173 -7.57 -2.62 -8.63
C GLY A 173 -8.73 -1.95 -9.35
N PHE A 174 -9.83 -2.67 -9.56
CA PHE A 174 -10.98 -2.13 -10.28
C PHE A 174 -12.26 -2.15 -9.47
N LEU A 175 -12.22 -2.65 -8.24
CA LEU A 175 -13.42 -2.76 -7.40
C LEU A 175 -13.08 -2.55 -5.93
N PRO A 176 -13.59 -1.50 -5.28
CA PRO A 176 -13.42 -1.42 -3.83
C PRO A 176 -14.05 -2.65 -3.18
N CYS A 177 -13.23 -3.42 -2.48
CA CYS A 177 -13.72 -4.69 -1.97
C CYS A 177 -12.92 -5.11 -0.73
N ASN A 178 -13.49 -6.06 -0.01
CA ASN A 178 -12.79 -6.77 1.06
C ASN A 178 -12.03 -7.91 0.37
N ASP A 179 -10.81 -7.62 -0.06
CA ASP A 179 -10.12 -8.44 -1.07
C ASP A 179 -9.35 -9.58 -0.41
N HIS A 180 -10.11 -10.55 0.10
CA HIS A 180 -9.51 -11.70 0.79
C HIS A 180 -10.45 -12.88 0.65
N PRO A 181 -9.93 -14.09 0.39
CA PRO A 181 -10.82 -15.21 0.06
C PRO A 181 -11.63 -15.70 1.24
N SER A 182 -11.29 -15.30 2.47
CA SER A 182 -12.09 -15.67 3.64
C SER A 182 -13.44 -14.98 3.65
N ASP A 183 -13.67 -14.03 2.76
CA ASP A 183 -14.93 -13.27 2.71
C ASP A 183 -15.51 -13.31 1.31
N PRO A 184 -15.99 -14.46 0.86
CA PRO A 184 -16.67 -14.53 -0.44
C PRO A 184 -18.00 -13.77 -0.40
N ALA A 185 -18.53 -13.50 -1.60
CA ALA A 185 -19.79 -12.76 -1.69
C ALA A 185 -20.46 -13.07 -3.01
N THR A 186 -21.74 -12.74 -3.10
CA THR A 186 -22.41 -12.76 -4.40
C THR A 186 -22.17 -11.45 -5.13
N PHE A 187 -22.44 -11.47 -6.44
CA PHE A 187 -22.16 -10.35 -7.33
C PHE A 187 -23.32 -10.17 -8.31
N THR A 188 -23.76 -8.92 -8.48
CA THR A 188 -24.57 -8.53 -9.63
C THR A 188 -23.79 -7.45 -10.36
N VAL A 189 -23.50 -7.70 -11.64
CA VAL A 189 -22.62 -6.81 -12.39
C VAL A 189 -23.34 -6.29 -13.63
N ARG A 190 -23.41 -4.96 -13.75
CA ARG A 190 -23.79 -4.30 -14.99
C ARG A 190 -22.52 -3.75 -15.61
N VAL A 191 -22.22 -4.15 -16.85
CA VAL A 191 -21.02 -3.71 -17.56
C VAL A 191 -21.46 -2.85 -18.73
N THR A 192 -20.95 -1.63 -18.79
CA THR A 192 -21.26 -0.72 -19.89
C THR A 192 -20.04 -0.56 -20.79
N VAL A 193 -20.21 -0.82 -22.07
CA VAL A 193 -19.12 -0.82 -23.04
C VAL A 193 -19.59 -0.17 -24.34
N PRO A 194 -18.64 0.26 -25.17
CA PRO A 194 -19.02 0.76 -26.50
C PRO A 194 -19.81 -0.30 -27.25
N ALA A 195 -20.73 0.17 -28.11
CA ALA A 195 -21.63 -0.73 -28.82
C ALA A 195 -20.88 -1.78 -29.64
N SER A 196 -19.68 -1.44 -30.12
CA SER A 196 -18.92 -2.38 -30.93
C SER A 196 -18.29 -3.50 -30.10
N ALA A 197 -18.24 -3.36 -28.78
CA ALA A 197 -17.67 -4.38 -27.91
C ALA A 197 -18.79 -5.19 -27.25
N SER A 198 -18.38 -6.22 -26.52
CA SER A 198 -19.32 -6.94 -25.67
C SER A 198 -18.67 -7.15 -24.32
N ALA A 199 -19.29 -7.94 -23.45
CA ALA A 199 -18.77 -8.14 -22.11
C ALA A 199 -19.28 -9.47 -21.60
N ALA A 200 -18.55 -10.01 -20.63
CA ALA A 200 -18.95 -11.21 -19.93
C ALA A 200 -18.41 -11.12 -18.52
N ALA A 201 -19.26 -11.42 -17.55
CA ALA A 201 -18.85 -11.51 -16.16
C ALA A 201 -19.41 -12.79 -15.58
N SER A 202 -18.86 -13.21 -14.44
CA SER A 202 -19.43 -14.36 -13.75
C SER A 202 -20.91 -14.09 -13.47
N GLY A 203 -21.73 -15.11 -13.70
CA GLY A 203 -23.15 -15.05 -13.39
C GLY A 203 -24.04 -15.15 -14.62
N LEU A 204 -25.29 -15.56 -14.44
CA LEU A 204 -26.18 -15.72 -15.58
C LEU A 204 -26.43 -14.37 -16.25
N PHE A 205 -26.24 -14.33 -17.57
CA PHE A 205 -26.53 -13.14 -18.36
C PHE A 205 -28.01 -13.01 -18.62
N THR A 206 -28.60 -11.85 -18.30
CA THR A 206 -30.01 -11.62 -18.54
C THR A 206 -30.24 -10.63 -19.68
N THR A 207 -30.00 -9.34 -19.46
CA THR A 207 -30.40 -8.31 -20.40
C THR A 207 -29.20 -7.57 -20.99
N GLN A 208 -29.43 -7.01 -22.18
CA GLN A 208 -28.51 -6.08 -22.81
C GLN A 208 -29.34 -4.93 -23.37
N THR A 209 -29.02 -3.71 -22.95
CA THR A 209 -29.66 -2.51 -23.45
C THR A 209 -28.60 -1.63 -24.10
N GLU A 210 -29.06 -0.72 -24.95
CA GLU A 210 -28.15 0.11 -25.73
C GLU A 210 -28.75 1.49 -25.92
N ARG A 211 -27.92 2.51 -25.74
CA ARG A 211 -28.34 3.88 -26.00
C ARG A 211 -27.08 4.73 -26.17
N ASN A 212 -27.13 5.66 -27.11
CA ASN A 212 -26.02 6.58 -27.37
C ASN A 212 -24.72 5.82 -27.63
N GLY A 213 -24.82 4.70 -28.32
CA GLY A 213 -23.64 3.93 -28.70
C GLY A 213 -23.00 3.13 -27.57
N LEU A 214 -23.69 2.97 -26.45
CA LEU A 214 -23.18 2.20 -25.31
C LEU A 214 -24.11 1.04 -25.01
N LYS A 215 -23.53 -0.13 -24.75
CA LYS A 215 -24.29 -1.30 -24.34
C LYS A 215 -24.08 -1.54 -22.85
N THR A 216 -25.13 -1.99 -22.18
CA THR A 216 -25.05 -2.38 -20.77
C THR A 216 -25.56 -3.80 -20.65
N LEU A 217 -24.72 -4.71 -20.17
CA LEU A 217 -25.09 -6.10 -19.96
C LEU A 217 -25.11 -6.41 -18.47
N THR A 218 -26.08 -7.21 -18.04
CA THR A 218 -26.27 -7.57 -16.64
C THR A 218 -26.02 -9.06 -16.44
N PHE A 219 -25.23 -9.38 -15.41
CA PHE A 219 -24.85 -10.74 -15.05
C PHE A 219 -25.08 -10.92 -13.55
N THR A 220 -25.61 -12.08 -13.16
CA THR A 220 -25.97 -12.29 -11.75
C THR A 220 -25.29 -13.55 -11.22
N GLN A 221 -24.29 -13.36 -10.35
CA GLN A 221 -23.61 -14.45 -9.65
C GLN A 221 -24.32 -14.72 -8.32
N ARG A 222 -25.06 -15.83 -8.23
CA ARG A 222 -25.94 -16.05 -7.10
C ARG A 222 -25.34 -16.95 -6.03
N VAL A 223 -24.23 -17.61 -6.28
CA VAL A 223 -23.58 -18.35 -5.20
C VAL A 223 -22.30 -17.62 -4.84
N PRO A 224 -21.96 -17.49 -3.56
CA PRO A 224 -20.85 -16.61 -3.16
C PRO A 224 -19.50 -17.23 -3.50
N VAL A 225 -18.59 -16.38 -3.96
CA VAL A 225 -17.23 -16.77 -4.33
C VAL A 225 -16.28 -15.65 -3.92
N PRO A 226 -14.98 -15.94 -3.87
CA PRO A 226 -14.00 -14.91 -3.54
C PRO A 226 -13.96 -13.79 -4.58
N THR A 227 -13.45 -12.63 -4.15
CA THR A 227 -13.31 -11.50 -5.06
C THR A 227 -12.55 -11.86 -6.33
N TYR A 228 -11.45 -12.61 -6.19
CA TYR A 228 -10.65 -12.91 -7.38
C TYR A 228 -11.37 -13.86 -8.32
N ALA A 229 -12.38 -14.59 -7.84
CA ALA A 229 -13.17 -15.48 -8.68
C ALA A 229 -14.24 -14.76 -9.49
N LEU A 230 -14.39 -13.44 -9.32
CA LEU A 230 -15.28 -12.69 -10.19
C LEU A 230 -14.67 -12.56 -11.57
N GLY A 231 -15.24 -13.26 -12.55
CA GLY A 231 -14.80 -13.11 -13.92
C GLY A 231 -15.42 -11.87 -14.54
N LEU A 232 -14.61 -11.15 -15.33
CA LEU A 232 -15.10 -9.92 -15.95
C LEU A 232 -14.21 -9.61 -17.14
N ILE A 233 -14.78 -9.68 -18.35
CA ILE A 233 -14.06 -9.51 -19.61
C ILE A 233 -14.86 -8.57 -20.49
N VAL A 234 -14.18 -7.59 -21.10
CA VAL A 234 -14.80 -6.67 -22.05
C VAL A 234 -13.91 -6.58 -23.29
N GLY A 235 -14.55 -6.47 -24.45
CA GLY A 235 -13.85 -6.43 -25.71
C GLY A 235 -14.65 -7.16 -26.77
N PRO A 236 -14.03 -7.46 -27.91
CA PRO A 236 -14.74 -8.19 -28.96
C PRO A 236 -14.91 -9.67 -28.61
N LEU A 237 -16.09 -10.04 -28.16
CA LEU A 237 -16.33 -11.42 -27.73
C LEU A 237 -17.75 -11.83 -28.07
N GLU A 238 -17.97 -13.13 -28.12
CA GLU A 238 -19.27 -13.71 -28.44
C GLU A 238 -19.62 -14.78 -27.40
N ARG A 239 -20.88 -14.81 -26.99
CA ARG A 239 -21.38 -15.82 -26.06
C ARG A 239 -22.05 -16.93 -26.86
N ARG A 240 -21.67 -18.18 -26.58
CA ARG A 240 -22.23 -19.33 -27.28
C ARG A 240 -22.72 -20.36 -26.28
N THR A 241 -24.03 -20.59 -26.26
CA THR A 241 -24.60 -21.56 -25.34
C THR A 241 -24.47 -22.99 -25.87
N ALA A 242 -24.52 -23.95 -24.97
CA ALA A 242 -24.61 -25.36 -25.27
C ALA A 242 -25.75 -25.96 -24.46
N PRO A 243 -26.15 -27.18 -24.75
CA PRO A 243 -27.28 -27.79 -24.02
C PRO A 243 -27.00 -27.93 -22.52
N ASP A 244 -28.08 -27.80 -21.73
CA ASP A 244 -28.02 -28.04 -20.30
C ASP A 244 -27.42 -29.42 -20.02
N VAL A 245 -26.73 -29.52 -18.89
CA VAL A 245 -26.20 -30.78 -18.39
C VAL A 245 -27.02 -31.19 -17.18
N GLN A 246 -27.48 -32.44 -17.16
CA GLN A 246 -28.29 -32.95 -16.05
C GLN A 246 -27.39 -33.75 -15.12
N LEU A 247 -27.36 -33.35 -13.85
CA LEU A 247 -26.61 -34.04 -12.81
C LEU A 247 -27.62 -34.54 -11.79
N GLY A 248 -28.26 -35.66 -12.11
CA GLY A 248 -29.36 -36.12 -11.30
C GLY A 248 -30.51 -35.12 -11.38
N THR A 249 -30.95 -34.62 -10.24
CA THR A 249 -32.01 -33.62 -10.23
C THR A 249 -31.49 -32.21 -10.45
N GLN A 250 -30.17 -32.01 -10.52
CA GLN A 250 -29.58 -30.70 -10.70
C GLN A 250 -29.38 -30.41 -12.19
N THR A 251 -29.73 -29.18 -12.59
CA THR A 251 -29.51 -28.74 -13.97
C THR A 251 -28.41 -27.70 -14.00
N VAL A 252 -27.40 -27.92 -14.85
CA VAL A 252 -26.29 -26.99 -15.00
C VAL A 252 -26.35 -26.40 -16.39
N HIS A 253 -26.51 -25.09 -16.48
CA HIS A 253 -26.54 -24.44 -17.79
C HIS A 253 -25.13 -24.36 -18.36
N ARG A 254 -25.05 -24.26 -19.69
CA ARG A 254 -23.77 -24.27 -20.38
C ARG A 254 -23.66 -23.08 -21.34
N ARG A 255 -22.54 -22.35 -21.23
CA ARG A 255 -22.19 -21.37 -22.25
C ARG A 255 -20.70 -21.10 -22.14
N ASP A 256 -20.10 -20.85 -23.28
CA ASP A 256 -18.71 -20.47 -23.35
C ASP A 256 -18.61 -19.11 -24.05
N ILE A 257 -17.56 -18.37 -23.71
CA ILE A 257 -17.26 -17.10 -24.36
C ILE A 257 -16.10 -17.31 -25.31
N TYR A 258 -16.21 -16.78 -26.53
CA TYR A 258 -15.14 -16.82 -27.53
C TYR A 258 -14.75 -15.40 -27.87
N ALA A 259 -13.57 -14.96 -27.43
CA ALA A 259 -13.05 -13.70 -27.90
C ALA A 259 -12.68 -13.80 -29.37
N ALA A 260 -12.69 -12.67 -30.06
CA ALA A 260 -12.26 -12.64 -31.44
C ALA A 260 -10.76 -12.91 -31.52
N GLY A 261 -10.32 -13.44 -32.66
CA GLY A 261 -8.91 -13.61 -32.94
C GLY A 261 -8.25 -14.80 -32.29
N LEU A 262 -9.01 -15.84 -31.96
CA LEU A 262 -8.44 -17.02 -31.33
C LEU A 262 -7.63 -17.82 -32.35
N PRO A 263 -6.54 -18.47 -31.93
CA PRO A 263 -5.79 -19.34 -32.84
C PRO A 263 -6.68 -20.42 -33.43
N ALA A 264 -6.36 -20.81 -34.67
CA ALA A 264 -7.06 -21.94 -35.29
C ALA A 264 -6.98 -23.15 -34.37
N GLY A 265 -8.12 -23.82 -34.19
CA GLY A 265 -8.19 -24.99 -33.34
C GLY A 265 -8.44 -24.74 -31.87
N THR A 266 -8.87 -23.54 -31.47
CA THR A 266 -9.17 -23.24 -30.07
C THR A 266 -10.62 -23.59 -29.81
N THR A 267 -10.86 -24.69 -29.10
CA THR A 267 -12.21 -25.24 -28.97
C THR A 267 -12.48 -25.69 -27.56
N VAL A 268 -13.76 -25.91 -27.29
CA VAL A 268 -14.24 -26.73 -26.18
C VAL A 268 -14.84 -27.98 -26.81
N PRO A 269 -14.18 -29.13 -26.72
CA PRO A 269 -14.68 -30.33 -27.41
C PRO A 269 -16.11 -30.66 -27.00
N GLU A 270 -16.93 -30.99 -28.01
CA GLU A 270 -18.32 -31.38 -27.73
C GLU A 270 -18.37 -32.53 -26.75
N GLY A 271 -19.33 -32.45 -25.82
CA GLY A 271 -19.56 -33.49 -24.83
C GLY A 271 -18.60 -33.50 -23.67
N GLU A 272 -17.46 -32.81 -23.78
CA GLU A 272 -16.42 -32.91 -22.76
C GLU A 272 -16.88 -32.30 -21.43
N THR A 273 -17.43 -31.08 -21.47
CA THR A 273 -17.76 -30.42 -20.20
C THR A 273 -18.81 -31.22 -19.42
N ALA A 274 -19.76 -31.84 -20.12
CA ALA A 274 -20.74 -32.67 -19.43
C ALA A 274 -20.08 -33.87 -18.78
N ARG A 275 -19.17 -34.54 -19.50
CA ARG A 275 -18.46 -35.68 -18.93
C ARG A 275 -17.69 -35.26 -17.68
N MET A 276 -17.01 -34.11 -17.74
CA MET A 276 -16.24 -33.65 -16.59
C MET A 276 -17.14 -33.30 -15.42
N LEU A 277 -18.27 -32.63 -15.70
CA LEU A 277 -19.18 -32.29 -14.61
C LEU A 277 -19.69 -33.54 -13.90
N ARG A 278 -19.99 -34.59 -14.68
CA ARG A 278 -20.44 -35.86 -14.11
C ARG A 278 -19.36 -36.49 -13.25
N VAL A 279 -18.14 -36.61 -13.80
CA VAL A 279 -17.07 -37.29 -13.06
C VAL A 279 -16.75 -36.54 -11.77
N LEU A 280 -16.59 -35.22 -11.86
CA LEU A 280 -16.17 -34.48 -10.68
C LEU A 280 -17.30 -34.39 -9.66
N SER A 281 -18.54 -34.11 -10.10
CA SER A 281 -19.63 -34.04 -9.15
C SER A 281 -19.88 -35.37 -8.45
N ASP A 282 -19.62 -36.50 -9.14
CA ASP A 282 -19.76 -37.80 -8.47
C ASP A 282 -18.74 -38.00 -7.38
N TRP A 283 -17.60 -37.29 -7.45
CA TRP A 283 -16.56 -37.35 -6.44
C TRP A 283 -16.73 -36.31 -5.34
N PHE A 284 -17.22 -35.11 -5.69
CA PHE A 284 -17.20 -33.96 -4.81
C PHE A 284 -18.57 -33.58 -4.25
N GLY A 285 -19.65 -33.98 -4.92
CA GLY A 285 -20.97 -33.52 -4.57
C GLY A 285 -21.50 -32.56 -5.62
N PRO A 286 -22.71 -32.05 -5.41
CA PRO A 286 -23.36 -31.24 -6.45
C PRO A 286 -22.46 -30.10 -6.92
N TYR A 287 -22.51 -29.82 -8.22
CA TYR A 287 -21.80 -28.65 -8.75
C TYR A 287 -22.34 -27.39 -8.06
N PRO A 288 -21.48 -26.50 -7.57
CA PRO A 288 -21.97 -25.42 -6.71
C PRO A 288 -22.70 -24.29 -7.43
N ASP A 289 -22.63 -24.18 -8.74
CA ASP A 289 -23.10 -22.98 -9.43
C ASP A 289 -24.24 -23.35 -10.37
N GLU A 290 -24.78 -22.32 -11.05
CA GLU A 290 -25.92 -22.50 -11.95
C GLU A 290 -25.48 -22.73 -13.39
N VAL A 291 -24.23 -22.37 -13.73
CA VAL A 291 -23.73 -22.42 -15.09
C VAL A 291 -22.25 -22.77 -15.04
N TYR A 292 -21.75 -23.37 -16.13
CA TYR A 292 -20.31 -23.48 -16.29
C TYR A 292 -19.90 -23.33 -17.76
N GLY A 293 -18.72 -22.77 -17.94
CA GLY A 293 -18.10 -22.69 -19.25
C GLY A 293 -16.74 -22.03 -19.12
N VAL A 294 -16.11 -21.77 -20.26
CA VAL A 294 -14.83 -21.06 -20.31
C VAL A 294 -14.97 -19.84 -21.18
N ALA A 295 -14.13 -18.84 -20.92
CA ALA A 295 -14.02 -17.65 -21.76
C ALA A 295 -12.64 -17.71 -22.41
N LEU A 296 -12.63 -18.06 -23.70
CA LEU A 296 -11.39 -18.28 -24.43
C LEU A 296 -10.86 -16.96 -24.96
N LEU A 297 -9.63 -16.62 -24.57
CA LEU A 297 -9.02 -15.36 -24.94
C LEU A 297 -7.77 -15.61 -25.79
N PRO A 298 -7.48 -14.74 -26.77
CA PRO A 298 -6.32 -14.96 -27.65
C PRO A 298 -5.02 -14.51 -27.03
N VAL A 299 -4.99 -14.43 -25.70
CA VAL A 299 -3.84 -13.96 -24.99
C VAL A 299 -3.01 -15.14 -24.51
N ARG A 300 -1.84 -14.85 -23.96
CA ARG A 300 -0.88 -15.85 -23.51
C ARG A 300 -0.73 -15.65 -22.01
N GLN A 301 -1.41 -16.49 -21.22
CA GLN A 301 -1.53 -16.27 -19.80
C GLN A 301 -2.01 -17.56 -19.15
N LEU A 302 -1.92 -17.60 -17.83
CA LEU A 302 -2.45 -18.74 -17.07
C LEU A 302 -3.98 -18.68 -17.02
N ALA A 303 -4.60 -19.86 -16.95
CA ALA A 303 -6.04 -19.94 -16.73
C ALA A 303 -6.38 -19.66 -15.27
N LEU A 304 -7.53 -19.03 -15.06
CA LEU A 304 -8.01 -18.70 -13.72
C LEU A 304 -9.46 -19.15 -13.57
N GLU A 305 -9.74 -19.83 -12.46
CA GLU A 305 -11.03 -20.45 -12.18
C GLU A 305 -12.12 -19.46 -11.80
N THR A 306 -12.25 -18.37 -12.55
CA THR A 306 -13.32 -17.42 -12.28
C THR A 306 -14.69 -18.13 -12.32
N ALA A 307 -15.59 -17.67 -11.46
CA ALA A 307 -16.77 -18.45 -11.08
C ALA A 307 -17.69 -18.71 -12.27
N GLY A 308 -17.99 -19.99 -12.49
CA GLY A 308 -18.91 -20.44 -13.52
C GLY A 308 -18.49 -20.08 -14.93
N LEU A 309 -17.32 -19.45 -15.04
CA LEU A 309 -16.82 -18.94 -16.32
C LEU A 309 -15.31 -18.77 -16.17
N THR A 310 -14.59 -19.85 -16.43
CA THR A 310 -13.14 -19.84 -16.29
C THR A 310 -12.51 -18.94 -17.34
N THR A 311 -11.60 -18.08 -16.90
CA THR A 311 -10.86 -17.23 -17.82
C THR A 311 -9.71 -18.06 -18.40
N MET A 312 -9.79 -18.33 -19.70
CA MET A 312 -8.95 -19.35 -20.35
C MET A 312 -8.20 -18.75 -21.54
N PRO A 313 -7.00 -18.23 -21.32
CA PRO A 313 -6.14 -17.90 -22.46
C PRO A 313 -5.93 -19.15 -23.30
N ALA A 314 -5.91 -18.96 -24.62
CA ALA A 314 -5.85 -20.10 -25.54
C ALA A 314 -4.58 -20.93 -25.34
N THR A 315 -3.50 -20.31 -24.86
CA THR A 315 -2.26 -21.04 -24.65
C THR A 315 -2.36 -22.05 -23.51
N SER A 316 -3.32 -21.89 -22.61
CA SER A 316 -3.58 -22.84 -21.53
C SER A 316 -4.69 -23.82 -21.84
N ASN A 317 -5.32 -23.72 -23.02
CA ASN A 317 -6.56 -24.44 -23.30
C ASN A 317 -6.22 -25.88 -23.67
N ARG A 318 -6.14 -26.73 -22.64
CA ARG A 318 -5.89 -28.16 -22.80
C ARG A 318 -6.89 -28.91 -21.92
N GLU A 319 -7.17 -30.15 -22.28
CA GLU A 319 -8.18 -30.91 -21.55
C GLU A 319 -7.90 -30.92 -20.05
N ARG A 320 -6.65 -31.21 -19.66
CA ARG A 320 -6.32 -31.30 -18.25
C ARG A 320 -6.52 -29.97 -17.55
N VAL A 321 -6.17 -28.86 -18.22
CA VAL A 321 -6.34 -27.54 -17.64
C VAL A 321 -7.81 -27.19 -17.50
N ARG A 322 -8.62 -27.58 -18.48
CA ARG A 322 -10.06 -27.34 -18.37
C ARG A 322 -10.65 -28.12 -17.19
N LEU A 323 -10.22 -29.36 -17.00
CA LEU A 323 -10.64 -30.13 -15.84
C LEU A 323 -10.23 -29.43 -14.54
N HIS A 324 -8.95 -29.06 -14.45
CA HIS A 324 -8.40 -28.40 -13.27
C HIS A 324 -9.22 -27.18 -12.87
N ALA A 325 -9.53 -26.31 -13.83
CA ALA A 325 -10.29 -25.10 -13.52
C ALA A 325 -11.71 -25.43 -13.06
N LEU A 326 -12.33 -26.43 -13.68
CA LEU A 326 -13.65 -26.87 -13.23
C LEU A 326 -13.60 -27.41 -11.82
N ALA A 327 -12.54 -28.16 -11.48
CA ALA A 327 -12.41 -28.66 -10.12
C ALA A 327 -12.35 -27.53 -9.11
N HIS A 328 -11.74 -26.40 -9.50
CA HIS A 328 -11.66 -25.23 -8.61
C HIS A 328 -13.03 -24.66 -8.27
N GLN A 329 -14.06 -24.89 -9.10
CA GLN A 329 -15.38 -24.39 -8.75
C GLN A 329 -15.79 -24.91 -7.37
N TRP A 330 -15.37 -26.13 -7.03
CA TRP A 330 -15.50 -26.62 -5.66
C TRP A 330 -14.36 -26.12 -4.79
N PHE A 331 -13.12 -26.43 -5.18
CA PHE A 331 -11.95 -26.24 -4.33
C PHE A 331 -11.29 -24.91 -4.67
N GLY A 332 -11.76 -23.87 -3.98
CA GLY A 332 -11.27 -22.52 -4.14
C GLY A 332 -12.41 -21.53 -4.22
N ASP A 333 -13.44 -21.85 -5.04
CA ASP A 333 -14.56 -20.93 -5.22
C ASP A 333 -15.68 -21.19 -4.23
N GLN A 334 -16.06 -22.47 -4.05
CA GLN A 334 -17.07 -22.79 -3.03
C GLN A 334 -16.41 -22.97 -1.66
N VAL A 335 -15.43 -23.88 -1.56
CA VAL A 335 -14.57 -23.99 -0.39
C VAL A 335 -13.45 -22.97 -0.54
N THR A 336 -13.45 -21.93 0.28
CA THR A 336 -12.52 -20.82 0.11
C THR A 336 -11.47 -20.84 1.21
N LEU A 337 -10.34 -20.17 0.95
CA LEU A 337 -9.20 -20.20 1.85
C LEU A 337 -9.38 -19.23 3.00
N ALA A 338 -9.08 -19.69 4.22
CA ALA A 338 -9.03 -18.76 5.35
C ALA A 338 -7.76 -17.91 5.31
N ASP A 339 -6.70 -18.43 4.71
CA ASP A 339 -5.40 -17.76 4.70
C ASP A 339 -4.67 -18.18 3.43
N TRP A 340 -4.00 -17.23 2.79
CA TRP A 340 -3.30 -17.52 1.55
C TRP A 340 -2.16 -18.52 1.74
N ALA A 341 -1.70 -18.75 2.97
CA ALA A 341 -0.68 -19.78 3.16
C ALA A 341 -1.19 -21.17 2.79
N ASP A 342 -2.50 -21.38 2.76
CA ASP A 342 -3.09 -22.69 2.54
C ASP A 342 -3.55 -22.91 1.10
N THR A 343 -2.89 -22.27 0.13
CA THR A 343 -3.30 -22.41 -1.27
C THR A 343 -3.26 -23.86 -1.76
N TRP A 344 -2.51 -24.73 -1.09
CA TRP A 344 -2.48 -26.13 -1.54
C TRP A 344 -3.85 -26.77 -1.42
N LEU A 345 -4.70 -26.27 -0.51
CA LEU A 345 -6.05 -26.81 -0.40
C LEU A 345 -6.87 -26.54 -1.66
N SER A 346 -6.54 -25.49 -2.40
CA SER A 346 -7.15 -25.24 -3.69
C SER A 346 -6.36 -25.92 -4.80
N GLU A 347 -5.07 -25.59 -4.91
CA GLU A 347 -4.29 -26.08 -6.04
C GLU A 347 -4.00 -27.57 -5.94
N GLY A 348 -3.75 -28.07 -4.73
CA GLY A 348 -3.48 -29.48 -4.57
C GLY A 348 -4.71 -30.33 -4.84
N PHE A 349 -5.88 -29.87 -4.42
CA PHE A 349 -7.13 -30.58 -4.69
C PHE A 349 -7.48 -30.54 -6.18
N ALA A 350 -7.37 -29.35 -6.81
CA ALA A 350 -7.65 -29.24 -8.23
C ALA A 350 -6.69 -30.10 -9.05
N THR A 351 -5.43 -30.16 -8.63
CA THR A 351 -4.46 -31.03 -9.31
C THR A 351 -4.84 -32.50 -9.16
N TYR A 352 -5.19 -32.91 -7.93
CA TYR A 352 -5.60 -34.29 -7.74
C TYR A 352 -6.85 -34.61 -8.55
N ALA A 353 -7.73 -33.63 -8.75
CA ALA A 353 -8.86 -33.84 -9.64
C ALA A 353 -8.41 -34.32 -11.02
N GLU A 354 -7.25 -33.87 -11.50
CA GLU A 354 -6.75 -34.32 -12.80
C GLU A 354 -6.49 -35.81 -12.81
N LEU A 355 -6.08 -36.37 -11.67
CA LEU A 355 -5.84 -37.81 -11.61
C LEU A 355 -7.15 -38.58 -11.54
N LEU A 356 -8.13 -38.05 -10.81
CA LEU A 356 -9.47 -38.66 -10.81
C LEU A 356 -10.06 -38.65 -12.23
N TRP A 357 -9.90 -37.54 -12.95
CA TRP A 357 -10.37 -37.50 -14.33
C TRP A 357 -9.63 -38.51 -15.19
N ALA A 358 -8.30 -38.54 -15.08
CA ALA A 358 -7.51 -39.48 -15.88
C ALA A 358 -8.00 -40.91 -15.67
N GLU A 359 -8.21 -41.31 -14.42
CA GLU A 359 -8.68 -42.67 -14.14
C GLU A 359 -10.06 -42.91 -14.72
N SER A 360 -10.96 -41.91 -14.59
CA SER A 360 -12.29 -42.05 -15.16
C SER A 360 -12.23 -42.28 -16.66
N GLN A 361 -11.17 -41.84 -17.32
CA GLN A 361 -10.99 -42.01 -18.75
C GLN A 361 -10.10 -43.20 -19.09
N GLY A 362 -9.92 -44.14 -18.15
CA GLY A 362 -9.21 -45.37 -18.38
C GLY A 362 -7.71 -45.31 -18.17
N GLU A 363 -7.18 -44.20 -17.69
CA GLU A 363 -5.74 -44.04 -17.53
C GLU A 363 -5.30 -44.53 -16.15
N ASP A 364 -3.99 -44.73 -16.02
CA ASP A 364 -3.38 -45.31 -14.82
C ASP A 364 -3.09 -44.19 -13.82
N GLY A 365 -3.89 -44.15 -12.74
CA GLY A 365 -3.73 -43.09 -11.76
C GLY A 365 -2.40 -43.16 -11.03
N GLN A 366 -1.97 -44.37 -10.66
CA GLN A 366 -0.72 -44.49 -9.93
C GLN A 366 0.45 -43.98 -10.75
N ALA A 367 0.44 -44.25 -12.07
CA ALA A 367 1.49 -43.74 -12.94
C ALA A 367 1.52 -42.22 -12.94
N MET A 368 0.34 -41.59 -12.91
CA MET A 368 0.33 -40.13 -12.84
C MET A 368 0.92 -39.62 -11.53
N ALA A 369 0.57 -40.26 -10.41
CA ALA A 369 1.18 -39.90 -9.14
C ALA A 369 2.70 -40.04 -9.21
N ALA A 370 3.18 -41.13 -9.82
CA ALA A 370 4.64 -41.31 -9.96
C ALA A 370 5.24 -40.20 -10.80
N ASP A 371 4.54 -39.75 -11.84
CA ASP A 371 5.01 -38.60 -12.62
C ASP A 371 5.14 -37.36 -11.75
N TRP A 372 4.09 -37.03 -10.98
CA TRP A 372 4.18 -35.91 -10.03
C TRP A 372 5.40 -36.07 -9.15
N TYR A 373 5.60 -37.27 -8.61
CA TYR A 373 6.70 -37.49 -7.69
C TYR A 373 8.04 -37.29 -8.38
N ALA A 374 8.21 -37.89 -9.56
CA ALA A 374 9.44 -37.71 -10.31
C ALA A 374 9.74 -36.23 -10.49
N ARG A 375 8.71 -35.43 -10.75
CA ARG A 375 8.91 -33.99 -10.93
C ARG A 375 9.42 -33.35 -9.65
N LEU A 376 8.81 -33.68 -8.51
CA LEU A 376 9.19 -33.08 -7.23
C LEU A 376 10.55 -33.57 -6.75
N SER A 377 10.97 -34.78 -7.12
CA SER A 377 12.16 -35.36 -6.50
C SER A 377 13.42 -34.60 -6.83
N VAL A 378 13.41 -33.76 -7.87
CA VAL A 378 14.57 -32.97 -8.26
C VAL A 378 14.36 -31.49 -7.97
N LEU A 379 13.32 -31.14 -7.21
CA LEU A 379 13.02 -29.79 -6.80
C LEU A 379 13.08 -29.69 -5.28
N PRO A 380 13.31 -28.49 -4.74
CA PRO A 380 13.20 -28.33 -3.29
C PRO A 380 11.77 -28.62 -2.85
N SER A 381 11.63 -29.08 -1.61
CA SER A 381 10.32 -29.36 -1.05
C SER A 381 10.10 -28.44 0.16
N ARG A 382 8.85 -28.36 0.61
CA ARG A 382 8.51 -27.55 1.76
C ARG A 382 7.28 -28.13 2.44
N PRO A 383 7.08 -27.87 3.72
CA PRO A 383 5.77 -28.16 4.32
C PRO A 383 4.71 -27.43 3.51
N LEU A 384 3.48 -27.94 3.59
CA LEU A 384 2.44 -27.44 2.68
C LEU A 384 1.93 -26.05 3.06
N ARG A 385 1.90 -25.70 4.34
CA ARG A 385 1.54 -24.33 4.73
C ARG A 385 2.65 -23.39 4.27
N ALA A 386 2.36 -22.51 3.33
CA ALA A 386 3.38 -21.60 2.83
C ALA A 386 3.66 -20.49 3.85
N THR A 387 4.91 -20.01 3.84
CA THR A 387 5.32 -18.86 4.64
C THR A 387 5.75 -17.65 3.82
N ARG A 388 5.90 -17.79 2.51
CA ARG A 388 6.35 -16.70 1.65
C ARG A 388 5.48 -16.62 0.40
N GLU A 389 5.37 -15.40 -0.13
CA GLU A 389 4.54 -15.16 -1.30
C GLU A 389 5.02 -15.99 -2.50
N GLU A 390 6.34 -16.17 -2.64
CA GLU A 390 6.91 -16.94 -3.74
C GLU A 390 6.43 -18.38 -3.75
N GLU A 391 5.94 -18.86 -2.60
CA GLU A 391 5.62 -20.28 -2.44
C GLU A 391 4.19 -20.62 -2.78
N ILE A 392 3.27 -19.65 -2.77
CA ILE A 392 1.87 -20.04 -2.70
C ILE A 392 1.38 -20.66 -3.99
N PHE A 393 2.09 -20.46 -5.11
CA PHE A 393 1.75 -21.15 -6.35
C PHE A 393 2.93 -21.93 -6.90
N ASP A 394 3.78 -22.46 -6.02
CA ASP A 394 4.94 -23.22 -6.45
C ASP A 394 4.59 -24.70 -6.60
N ALA A 395 5.58 -25.50 -6.96
CA ALA A 395 5.34 -26.89 -7.30
C ALA A 395 4.80 -27.67 -6.12
N SER A 396 5.19 -27.29 -4.90
CA SER A 396 4.69 -28.01 -3.71
C SER A 396 3.20 -27.80 -3.52
N ALA A 397 2.71 -26.59 -3.77
CA ALA A 397 1.29 -26.31 -3.57
C ALA A 397 0.42 -27.14 -4.50
N TYR A 398 0.90 -27.40 -5.72
CA TYR A 398 0.16 -28.22 -6.68
C TYR A 398 0.42 -29.70 -6.46
N PHE A 399 1.67 -30.12 -6.59
CA PHE A 399 1.97 -31.54 -6.68
C PHE A 399 2.28 -32.18 -5.33
N ARG A 400 2.92 -31.47 -4.39
CA ARG A 400 3.02 -32.07 -3.07
C ARG A 400 1.66 -32.13 -2.40
N GLY A 401 0.81 -31.13 -2.65
CA GLY A 401 -0.55 -31.17 -2.12
C GLY A 401 -1.35 -32.32 -2.71
N ALA A 402 -1.18 -32.56 -4.02
CA ALA A 402 -1.89 -33.67 -4.66
C ALA A 402 -1.42 -35.01 -4.12
N LEU A 403 -0.11 -35.17 -3.91
CA LEU A 403 0.40 -36.42 -3.38
C LEU A 403 -0.05 -36.65 -1.95
N ALA A 404 -0.21 -35.57 -1.17
CA ALA A 404 -0.80 -35.71 0.15
C ALA A 404 -2.17 -36.37 0.06
N LEU A 405 -2.99 -35.92 -0.89
CA LEU A 405 -4.30 -36.54 -1.08
C LEU A 405 -4.15 -37.97 -1.58
N HIS A 406 -3.19 -38.21 -2.45
CA HIS A 406 -2.95 -39.58 -2.92
C HIS A 406 -2.61 -40.49 -1.74
N ALA A 407 -1.72 -40.03 -0.85
CA ALA A 407 -1.37 -40.82 0.32
C ALA A 407 -2.60 -41.10 1.18
N LEU A 408 -3.42 -40.09 1.42
CA LEU A 408 -4.64 -40.29 2.22
C LEU A 408 -5.56 -41.30 1.55
N ARG A 409 -5.80 -41.12 0.26
CA ARG A 409 -6.67 -42.03 -0.49
C ARG A 409 -6.16 -43.47 -0.38
N LEU A 410 -4.86 -43.68 -0.60
CA LEU A 410 -4.34 -45.04 -0.53
C LEU A 410 -4.49 -45.62 0.86
N LYS A 411 -4.45 -44.76 1.89
CA LYS A 411 -4.56 -45.26 3.26
C LYS A 411 -5.97 -45.76 3.56
N VAL A 412 -7.00 -45.02 3.13
CA VAL A 412 -8.37 -45.28 3.56
C VAL A 412 -9.23 -46.01 2.53
N GLY A 413 -8.76 -46.17 1.29
CA GLY A 413 -9.56 -46.80 0.26
C GLY A 413 -10.50 -45.83 -0.44
N ASP A 414 -10.93 -46.22 -1.63
CA ASP A 414 -11.64 -45.27 -2.51
C ASP A 414 -13.01 -44.91 -1.96
N ALA A 415 -13.77 -45.86 -1.42
CA ALA A 415 -15.07 -45.53 -0.86
C ALA A 415 -14.95 -44.49 0.24
N ALA A 416 -14.08 -44.74 1.23
CA ALA A 416 -13.90 -43.79 2.31
C ALA A 416 -13.38 -42.46 1.79
N PHE A 417 -12.46 -42.49 0.80
CA PHE A 417 -11.89 -41.26 0.26
C PHE A 417 -12.96 -40.41 -0.42
N GLY A 418 -13.81 -41.04 -1.23
CA GLY A 418 -14.89 -40.29 -1.87
C GLY A 418 -15.89 -39.76 -0.86
N GLN A 419 -16.26 -40.57 0.12
CA GLN A 419 -17.14 -40.06 1.17
C GLN A 419 -16.49 -38.88 1.87
N PHE A 420 -15.17 -38.94 2.09
CA PHE A 420 -14.49 -37.84 2.75
C PHE A 420 -14.52 -36.57 1.93
N LEU A 421 -14.27 -36.65 0.61
CA LEU A 421 -14.35 -35.46 -0.22
C LEU A 421 -15.75 -34.84 -0.19
N HIS A 422 -16.79 -35.67 -0.22
CA HIS A 422 -18.15 -35.15 -0.07
C HIS A 422 -18.29 -34.42 1.25
N SER A 423 -17.85 -35.04 2.35
CA SER A 423 -17.99 -34.42 3.67
C SER A 423 -17.16 -33.15 3.78
N TYR A 424 -15.96 -33.16 3.17
CA TYR A 424 -15.10 -31.99 3.19
C TYR A 424 -15.79 -30.78 2.56
N VAL A 425 -16.36 -30.96 1.37
CA VAL A 425 -17.04 -29.86 0.68
C VAL A 425 -18.19 -29.34 1.53
N LYS A 426 -19.00 -30.25 2.07
CA LYS A 426 -20.10 -29.84 2.94
C LYS A 426 -19.60 -29.12 4.18
N THR A 427 -18.56 -29.67 4.82
CA THR A 427 -18.05 -29.11 6.07
C THR A 427 -17.59 -27.67 5.89
N PHE A 428 -16.96 -27.37 4.75
CA PHE A 428 -16.37 -26.07 4.48
C PHE A 428 -17.14 -25.28 3.41
N THR A 429 -18.42 -25.58 3.24
CA THR A 429 -19.31 -24.68 2.51
C THR A 429 -19.76 -23.61 3.51
N GLY A 430 -19.55 -22.34 3.16
CA GLY A 430 -19.85 -21.27 4.08
C GLY A 430 -18.87 -21.07 5.21
N ARG A 431 -17.73 -21.76 5.19
CA ARG A 431 -16.74 -21.72 6.26
C ARG A 431 -15.34 -21.84 5.67
N PRO A 432 -14.54 -20.77 5.66
CA PRO A 432 -13.21 -20.86 5.04
C PRO A 432 -12.39 -21.99 5.66
N VAL A 433 -11.65 -22.70 4.82
CA VAL A 433 -10.92 -23.89 5.25
C VAL A 433 -9.48 -23.54 5.60
N SER A 434 -8.87 -24.37 6.43
CA SER A 434 -7.46 -24.24 6.79
C SER A 434 -6.83 -25.61 6.85
N THR A 435 -5.50 -25.64 6.77
CA THR A 435 -4.80 -26.91 6.89
C THR A 435 -5.11 -27.58 8.22
N THR A 436 -5.14 -26.80 9.30
CA THR A 436 -5.45 -27.36 10.61
C THR A 436 -6.85 -27.96 10.62
N ALA A 437 -7.83 -27.23 10.06
CA ALA A 437 -9.21 -27.72 10.03
C ALA A 437 -9.35 -28.97 9.17
N LEU A 438 -8.63 -29.04 8.04
CA LEU A 438 -8.64 -30.27 7.26
C LEU A 438 -8.14 -31.44 8.09
N LEU A 439 -7.01 -31.26 8.76
CA LEU A 439 -6.47 -32.35 9.58
C LEU A 439 -7.45 -32.78 10.66
N THR A 440 -8.13 -31.82 11.28
CA THR A 440 -9.16 -32.16 12.26
C THR A 440 -10.26 -33.02 11.63
N LEU A 441 -10.72 -32.62 10.44
CA LEU A 441 -11.79 -33.38 9.78
C LEU A 441 -11.34 -34.79 9.42
N VAL A 442 -10.11 -34.94 8.92
CA VAL A 442 -9.59 -36.28 8.64
C VAL A 442 -9.56 -37.12 9.92
N LYS A 443 -9.05 -36.52 11.00
CA LYS A 443 -8.97 -37.24 12.27
C LYS A 443 -10.35 -37.72 12.72
N THR A 444 -11.34 -36.84 12.67
CA THR A 444 -12.67 -37.22 13.17
C THR A 444 -13.38 -38.16 12.21
N GLN A 445 -13.28 -37.90 10.90
CA GLN A 445 -14.01 -38.69 9.91
C GLN A 445 -13.30 -39.99 9.58
N LEU A 446 -11.96 -39.96 9.49
CA LEU A 446 -11.22 -41.11 9.02
C LEU A 446 -10.33 -41.76 10.08
N GLY A 447 -10.12 -41.11 11.22
CA GLY A 447 -9.38 -41.72 12.31
C GLY A 447 -7.94 -41.23 12.40
N ALA A 448 -7.29 -41.62 13.50
CA ALA A 448 -5.98 -41.08 13.84
C ALA A 448 -4.91 -41.53 12.85
N GLU A 449 -4.98 -42.77 12.38
CA GLU A 449 -3.98 -43.24 11.44
C GLU A 449 -4.04 -42.47 10.13
N ALA A 450 -5.25 -42.21 9.63
CA ALA A 450 -5.39 -41.45 8.40
C ALA A 450 -4.85 -40.04 8.57
N GLU A 451 -5.17 -39.41 9.71
CA GLU A 451 -4.63 -38.08 10.00
C GLU A 451 -3.11 -38.09 10.02
N GLN A 452 -2.51 -39.13 10.59
CA GLN A 452 -1.05 -39.21 10.63
C GLN A 452 -0.47 -39.37 9.23
N THR A 453 -1.13 -40.16 8.38
CA THR A 453 -0.69 -40.30 6.99
C THR A 453 -0.69 -38.95 6.28
N LEU A 454 -1.74 -38.15 6.47
CA LEU A 454 -1.79 -36.84 5.83
C LEU A 454 -0.77 -35.90 6.45
N ARG A 455 -0.58 -35.98 7.77
CA ARG A 455 0.30 -35.04 8.45
C ARG A 455 1.74 -35.17 7.96
N VAL A 456 2.19 -36.39 7.65
CA VAL A 456 3.56 -36.54 7.16
C VAL A 456 3.76 -35.76 5.87
N TRP A 457 2.73 -35.67 5.02
CA TRP A 457 2.80 -34.87 3.81
C TRP A 457 2.58 -33.38 4.10
N VAL A 458 1.76 -33.05 5.09
CA VAL A 458 1.52 -31.64 5.41
C VAL A 458 2.77 -31.01 6.05
N GLU A 459 3.37 -31.69 7.02
CA GLU A 459 4.52 -31.14 7.72
C GLU A 459 5.83 -31.69 7.16
N GLY A 460 6.93 -31.18 7.68
CA GLY A 460 8.21 -31.79 7.38
C GLY A 460 8.86 -31.23 6.13
N ARG A 461 10.14 -30.91 6.26
CA ARG A 461 10.84 -30.18 5.23
C ARG A 461 11.30 -31.07 4.07
N THR A 462 11.47 -32.37 4.29
CA THR A 462 11.93 -33.23 3.20
C THR A 462 10.73 -33.90 2.53
N LEU A 463 10.89 -34.20 1.27
CA LEU A 463 9.84 -34.86 0.49
C LEU A 463 9.68 -36.31 0.92
N PRO A 464 8.50 -36.76 1.33
CA PRO A 464 8.32 -38.16 1.69
C PRO A 464 8.45 -39.05 0.46
N PRO A 465 8.60 -40.36 0.66
CA PRO A 465 8.64 -41.28 -0.48
C PRO A 465 7.31 -41.35 -1.21
N LEU A 466 7.37 -41.80 -2.46
CA LEU A 466 6.19 -41.90 -3.31
C LEU A 466 5.13 -42.80 -2.66
N PRO A 467 3.89 -42.32 -2.52
CA PRO A 467 2.84 -43.19 -1.98
C PRO A 467 2.46 -44.28 -2.96
N GLU A 468 2.50 -45.53 -2.50
CA GLU A 468 2.18 -46.69 -3.31
C GLU A 468 1.18 -47.58 -2.58
N PRO A 469 0.37 -48.35 -3.31
CA PRO A 469 -0.68 -49.25 -2.80
C PRO A 469 -0.25 -50.24 -1.72
N GLN B 38 15.38 11.38 -15.90
CA GLN B 38 16.61 11.34 -15.11
C GLN B 38 16.39 11.80 -13.65
N SER B 39 16.33 13.11 -13.40
CA SER B 39 16.16 13.59 -12.03
C SER B 39 14.69 13.52 -11.63
N VAL B 40 14.40 13.88 -10.38
CA VAL B 40 13.01 13.91 -9.92
C VAL B 40 12.19 14.87 -10.78
N GLY B 41 12.83 15.89 -11.36
CA GLY B 41 12.12 16.86 -12.17
C GLY B 41 11.51 17.99 -11.38
N ASP B 42 12.04 18.28 -10.20
CA ASP B 42 11.49 19.34 -9.36
C ASP B 42 11.45 20.66 -10.13
N SER B 43 10.35 21.41 -9.97
CA SER B 43 10.21 22.66 -10.72
C SER B 43 11.18 23.74 -10.23
N ILE B 44 11.66 23.65 -8.99
CA ILE B 44 12.56 24.67 -8.44
C ILE B 44 14.01 24.22 -8.52
N PHE B 45 14.30 22.95 -8.23
CA PHE B 45 15.65 22.41 -8.21
C PHE B 45 15.70 21.25 -9.19
N PRO B 46 15.84 21.53 -10.49
CA PRO B 46 15.58 20.50 -11.52
C PRO B 46 16.62 19.38 -11.60
N SER B 47 17.74 19.45 -10.88
CA SER B 47 18.75 18.40 -10.95
C SER B 47 18.69 17.38 -9.82
N LEU B 48 17.95 17.67 -8.74
CA LEU B 48 17.98 16.84 -7.54
C LEU B 48 17.22 15.53 -7.72
N GLY B 49 17.68 14.50 -7.00
CA GLY B 49 16.97 13.25 -6.92
C GLY B 49 17.05 12.45 -8.20
N GLN B 50 16.51 11.23 -8.14
CA GLN B 50 16.47 10.36 -9.31
C GLN B 50 15.03 9.92 -9.54
N ARG B 51 14.52 10.17 -10.75
CA ARG B 51 13.16 9.76 -11.06
C ARG B 51 12.99 8.27 -10.80
N GLY B 52 11.93 7.91 -10.08
CA GLY B 52 11.57 6.52 -9.87
C GLY B 52 12.26 5.85 -8.70
N LEU B 53 13.31 6.46 -8.15
CA LEU B 53 14.01 5.87 -7.03
C LEU B 53 13.18 5.99 -5.76
N ASP B 54 13.08 4.90 -5.00
CA ASP B 54 12.39 4.90 -3.71
C ASP B 54 13.38 4.43 -2.64
N VAL B 55 14.15 5.35 -2.07
CA VAL B 55 14.97 4.99 -0.93
C VAL B 55 14.04 4.71 0.24
N GLN B 56 14.13 3.51 0.81
CA GLN B 56 13.25 3.10 1.89
C GLN B 56 13.89 3.22 3.26
N HIS B 57 15.22 3.08 3.35
CA HIS B 57 15.90 3.12 4.63
C HIS B 57 17.34 3.55 4.38
N TYR B 58 17.85 4.48 5.21
CA TYR B 58 19.25 4.85 5.25
C TYR B 58 19.86 4.28 6.52
N ASP B 59 20.91 3.47 6.39
CA ASP B 59 21.67 2.97 7.53
C ASP B 59 23.03 3.65 7.47
N LEU B 60 23.19 4.70 8.27
CA LEU B 60 24.35 5.57 8.19
C LEU B 60 25.26 5.39 9.39
N HIS B 61 26.54 5.16 9.13
CA HIS B 61 27.58 5.26 10.13
C HIS B 61 28.42 6.49 9.80
N LEU B 62 28.23 7.55 10.56
CA LEU B 62 28.91 8.83 10.38
C LEU B 62 29.95 9.01 11.47
N THR B 63 31.16 9.39 11.09
CA THR B 63 32.26 9.64 12.03
C THR B 63 32.66 11.10 11.94
N VAL B 64 32.55 11.82 13.06
CA VAL B 64 32.90 13.24 13.14
C VAL B 64 34.09 13.38 14.09
N PRO B 65 35.30 13.54 13.55
CA PRO B 65 36.50 13.53 14.43
C PRO B 65 36.63 14.75 15.31
N ARG B 66 36.24 15.93 14.79
CA ARG B 66 36.43 17.20 15.48
C ARG B 66 35.12 17.98 15.41
N PRO B 67 34.22 17.77 16.37
CA PRO B 67 32.95 18.52 16.34
C PRO B 67 33.21 20.02 16.23
N GLY B 68 32.46 20.66 15.34
CA GLY B 68 32.66 22.06 15.05
C GLY B 68 33.56 22.35 13.88
N GLU B 69 34.16 21.32 13.29
CA GLU B 69 34.95 21.44 12.08
C GLU B 69 34.42 20.43 11.07
N PRO B 70 34.40 20.78 9.78
CA PRO B 70 33.50 20.08 8.84
C PRO B 70 33.91 18.69 8.38
N HIS B 71 35.15 18.26 8.53
CA HIS B 71 35.55 16.98 7.97
C HIS B 71 34.76 15.83 8.59
N LEU B 72 34.40 14.83 7.76
CA LEU B 72 33.74 13.64 8.28
C LEU B 72 33.97 12.48 7.35
N SER B 73 33.58 11.29 7.82
CA SER B 73 33.65 10.07 7.04
C SER B 73 32.36 9.30 7.25
N GLY B 74 31.96 8.54 6.24
CA GLY B 74 30.65 7.92 6.24
C GLY B 74 30.70 6.53 5.66
N ASP B 75 29.82 5.68 6.19
CA ASP B 75 29.58 4.33 5.69
C ASP B 75 28.08 4.15 5.76
N VAL B 76 27.42 4.16 4.60
CA VAL B 76 25.96 4.16 4.54
C VAL B 76 25.52 3.03 3.63
N THR B 77 24.45 2.36 4.03
CA THR B 77 23.76 1.40 3.20
C THR B 77 22.32 1.87 2.99
N LEU B 78 21.96 2.13 1.74
CA LEU B 78 20.59 2.47 1.38
C LEU B 78 19.86 1.20 0.96
N THR B 79 18.69 0.98 1.56
CA THR B 79 17.76 -0.03 1.07
C THR B 79 16.81 0.67 0.11
N VAL B 80 16.83 0.27 -1.16
CA VAL B 80 16.16 1.01 -2.22
C VAL B 80 15.21 0.10 -2.98
N GLY B 81 14.02 0.63 -3.27
CA GLY B 81 13.15 0.10 -4.30
C GLY B 81 13.01 1.07 -5.46
N ALA B 82 12.09 0.74 -6.36
CA ALA B 82 11.95 1.51 -7.57
C ALA B 82 10.50 1.50 -8.02
N ARG B 83 10.08 2.62 -8.61
CA ARG B 83 8.76 2.73 -9.22
C ARG B 83 8.80 2.54 -10.73
N GLU B 84 9.99 2.46 -11.30
CA GLU B 84 10.22 2.12 -12.70
C GLU B 84 11.56 1.42 -12.78
N PRO B 85 11.78 0.61 -13.82
CA PRO B 85 13.06 -0.11 -13.90
C PRO B 85 14.22 0.87 -13.89
N LEU B 86 15.17 0.65 -12.97
CA LEU B 86 16.36 1.47 -12.85
C LEU B 86 17.59 0.61 -13.14
N SER B 87 18.33 0.96 -14.18
N SER B 87 18.33 0.97 -14.19
CA SER B 87 19.59 0.29 -14.47
CA SER B 87 19.60 0.32 -14.50
C SER B 87 20.76 0.89 -13.71
C SER B 87 20.77 0.91 -13.74
N ARG B 88 20.58 2.09 -13.16
CA ARG B 88 21.59 2.75 -12.34
C ARG B 88 20.88 3.38 -11.16
N ILE B 89 21.60 3.49 -10.04
CA ILE B 89 21.14 4.27 -8.89
C ILE B 89 21.95 5.57 -8.87
N VAL B 90 21.26 6.70 -8.80
CA VAL B 90 21.90 8.02 -8.87
C VAL B 90 21.53 8.79 -7.62
N LEU B 91 22.54 9.17 -6.84
CA LEU B 91 22.35 9.83 -5.56
C LEU B 91 22.99 11.22 -5.59
N ASP B 92 22.44 12.12 -4.76
CA ASP B 92 22.99 13.45 -4.58
C ASP B 92 24.11 13.41 -3.54
N LEU B 93 25.22 14.08 -3.84
CA LEU B 93 26.36 14.12 -2.92
C LEU B 93 27.19 15.34 -3.28
N LEU B 94 27.50 16.17 -2.29
CA LEU B 94 28.10 17.48 -2.55
C LEU B 94 29.24 17.75 -1.56
N GLY B 95 30.46 17.37 -1.95
CA GLY B 95 31.63 17.62 -1.14
C GLY B 95 32.47 16.38 -0.91
N PRO B 96 31.96 15.45 -0.10
CA PRO B 96 32.69 14.21 0.17
C PRO B 96 32.92 13.41 -1.10
N ARG B 97 33.97 12.59 -1.07
CA ARG B 97 34.35 11.73 -2.18
C ARG B 97 34.10 10.27 -1.79
N VAL B 98 33.40 9.54 -2.67
CA VAL B 98 33.17 8.12 -2.45
C VAL B 98 34.47 7.36 -2.70
N SER B 99 34.78 6.39 -1.84
CA SER B 99 35.96 5.56 -2.02
C SER B 99 35.63 4.12 -2.35
N ALA B 100 34.39 3.68 -2.11
CA ALA B 100 34.00 2.30 -2.37
C ALA B 100 32.49 2.23 -2.48
N ALA B 101 32.01 1.22 -3.22
CA ALA B 101 30.58 1.02 -3.40
C ALA B 101 30.29 -0.46 -3.56
N GLN B 102 29.15 -0.89 -3.03
CA GLN B 102 28.71 -2.26 -3.13
C GLN B 102 27.22 -2.27 -3.39
N TRP B 103 26.77 -3.26 -4.15
CA TRP B 103 25.36 -3.48 -4.44
C TRP B 103 25.04 -4.90 -4.00
N ASN B 104 24.16 -5.02 -3.00
CA ASN B 104 23.83 -6.32 -2.41
C ASN B 104 25.10 -7.04 -1.97
N GLY B 105 26.05 -6.27 -1.43
CA GLY B 105 27.25 -6.80 -0.82
C GLY B 105 28.40 -7.13 -1.76
N GLN B 106 28.28 -6.82 -3.05
CA GLN B 106 29.36 -7.07 -4.01
C GLN B 106 29.87 -5.74 -4.56
N ARG B 107 31.13 -5.73 -4.99
CA ARG B 107 31.63 -4.54 -5.66
C ARG B 107 30.78 -4.23 -6.89
N VAL B 108 30.64 -2.95 -7.17
CA VAL B 108 29.81 -2.48 -8.28
C VAL B 108 30.48 -1.24 -8.86
N ARG B 109 30.31 -1.05 -10.16
CA ARG B 109 30.87 0.12 -10.82
C ARG B 109 30.09 1.37 -10.47
N TRP B 110 30.82 2.44 -10.18
CA TRP B 110 30.23 3.73 -9.83
C TRP B 110 31.11 4.82 -10.39
N VAL B 111 30.53 6.00 -10.55
CA VAL B 111 31.26 7.19 -10.97
C VAL B 111 30.67 8.37 -10.22
N GLN B 112 31.54 9.26 -9.76
CA GLN B 112 31.15 10.46 -9.04
C GLN B 112 31.43 11.70 -9.87
N THR B 113 30.44 12.57 -9.99
CA THR B 113 30.64 13.81 -10.71
C THR B 113 30.56 14.95 -9.70
N ALA B 114 30.35 16.17 -10.20
CA ALA B 114 30.21 17.34 -9.35
C ALA B 114 29.27 17.06 -8.18
N GLN B 115 27.99 16.86 -8.46
CA GLN B 115 27.01 16.75 -7.39
C GLN B 115 26.26 15.42 -7.39
N LYS B 116 26.73 14.39 -8.11
CA LYS B 116 26.04 13.11 -8.17
C LYS B 116 27.01 11.95 -8.02
N VAL B 117 26.50 10.85 -7.49
CA VAL B 117 27.14 9.54 -7.54
C VAL B 117 26.25 8.61 -8.33
N GLU B 118 26.79 7.99 -9.37
CA GLU B 118 26.02 7.13 -10.26
C GLU B 118 26.56 5.70 -10.17
N VAL B 119 25.69 4.77 -9.75
CA VAL B 119 26.07 3.38 -9.54
C VAL B 119 25.38 2.54 -10.62
N THR B 120 26.17 1.83 -11.41
CA THR B 120 25.63 0.95 -12.45
C THR B 120 25.34 -0.42 -11.86
N LEU B 121 24.08 -0.88 -11.99
CA LEU B 121 23.67 -2.16 -11.42
C LEU B 121 24.01 -3.32 -12.36
N PRO B 122 24.20 -4.52 -11.81
CA PRO B 122 24.41 -5.70 -12.67
C PRO B 122 23.19 -6.03 -13.52
N ARG B 123 22.01 -5.62 -13.08
CA ARG B 123 20.78 -5.75 -13.86
C ARG B 123 19.76 -4.79 -13.25
N PRO B 124 18.72 -4.44 -14.00
CA PRO B 124 17.84 -3.35 -13.54
C PRO B 124 17.15 -3.69 -12.23
N LEU B 125 16.98 -2.65 -11.41
CA LEU B 125 16.13 -2.71 -10.23
C LEU B 125 14.71 -2.40 -10.66
N ARG B 126 13.80 -3.34 -10.42
CA ARG B 126 12.45 -3.20 -10.96
C ARG B 126 11.42 -3.12 -9.85
N PRO B 127 10.27 -2.50 -10.13
CA PRO B 127 9.25 -2.33 -9.08
C PRO B 127 8.94 -3.63 -8.36
N GLY B 128 8.86 -3.56 -7.03
CA GLY B 128 8.60 -4.72 -6.21
C GLY B 128 9.83 -5.39 -5.64
N GLU B 129 11.01 -5.10 -6.19
CA GLU B 129 12.28 -5.59 -5.68
C GLU B 129 12.94 -4.54 -4.80
N THR B 130 13.89 -4.98 -3.99
CA THR B 130 14.74 -4.08 -3.22
C THR B 130 16.18 -4.51 -3.36
N GLY B 131 17.08 -3.57 -3.13
CA GLY B 131 18.50 -3.83 -3.10
C GLY B 131 19.16 -2.94 -2.07
N ARG B 132 20.40 -3.28 -1.74
CA ARG B 132 21.17 -2.58 -0.71
C ARG B 132 22.40 -1.95 -1.36
N LEU B 133 22.44 -0.62 -1.38
CA LEU B 133 23.56 0.12 -1.95
C LEU B 133 24.41 0.67 -0.81
N ARG B 134 25.66 0.22 -0.73
CA ARG B 134 26.58 0.68 0.32
C ARG B 134 27.64 1.58 -0.29
N LEU B 135 27.87 2.73 0.35
CA LEU B 135 28.86 3.70 -0.10
C LEU B 135 29.77 4.09 1.05
N ILE B 136 31.07 4.08 0.80
CA ILE B 136 32.09 4.56 1.74
C ILE B 136 32.59 5.90 1.22
N TYR B 137 32.60 6.91 2.09
CA TYR B 137 32.93 8.25 1.63
C TYR B 137 33.54 9.06 2.75
N ALA B 138 34.25 10.11 2.36
CA ALA B 138 34.92 10.98 3.32
C ALA B 138 35.22 12.31 2.63
N GLY B 139 35.30 13.36 3.42
CA GLY B 139 35.66 14.66 2.90
C GLY B 139 34.94 15.76 3.66
N THR B 140 34.75 16.89 2.97
CA THR B 140 34.17 18.09 3.56
C THR B 140 32.83 18.39 2.94
N PRO B 141 31.72 18.30 3.67
CA PRO B 141 30.43 18.72 3.11
C PRO B 141 30.48 20.17 2.67
N GLU B 142 29.79 20.47 1.58
CA GLU B 142 29.69 21.83 1.08
C GLU B 142 28.28 22.35 1.30
N LEU B 143 28.17 23.64 1.65
CA LEU B 143 26.87 24.26 1.91
C LEU B 143 26.26 24.74 0.60
N SER B 144 24.97 24.44 0.41
CA SER B 144 24.22 24.85 -0.79
C SER B 144 23.84 26.33 -0.74
N GLY B 148 19.08 32.89 -2.82
CA GLY B 148 17.65 33.08 -2.68
C GLY B 148 17.04 32.41 -1.47
N LEU B 149 17.81 31.55 -0.82
CA LEU B 149 17.32 30.81 0.32
C LEU B 149 17.53 31.59 1.61
N PRO B 150 16.77 31.27 2.66
CA PRO B 150 16.95 32.00 3.93
C PRO B 150 18.28 31.70 4.60
N ILE B 151 18.81 30.50 4.41
CA ILE B 151 20.08 30.08 5.00
C ILE B 151 20.88 29.34 3.93
N ARG B 152 22.16 29.11 4.24
CA ARG B 152 22.97 28.24 3.40
C ARG B 152 22.86 26.83 3.94
N PRO B 153 22.04 25.97 3.33
CA PRO B 153 21.68 24.71 3.99
C PRO B 153 22.76 23.66 3.88
N GLY B 154 22.85 22.84 4.92
CA GLY B 154 23.75 21.71 4.90
C GLY B 154 24.36 21.44 6.25
N TRP B 155 25.55 20.85 6.24
CA TRP B 155 26.26 20.44 7.44
C TRP B 155 26.92 21.68 8.05
N GLN B 156 26.35 22.17 9.15
CA GLN B 156 26.84 23.40 9.78
C GLN B 156 27.94 23.08 10.79
N ASN B 157 28.89 24.00 10.91
CA ASN B 157 29.98 23.84 11.85
C ASN B 157 30.26 25.19 12.50
N GLU B 158 30.14 25.24 13.82
CA GLU B 158 30.40 26.47 14.55
C GLU B 158 30.41 26.19 16.03
N ALA B 159 31.34 26.83 16.75
CA ALA B 159 31.39 26.84 18.20
C ALA B 159 31.37 25.42 18.78
N GLY B 160 32.21 24.56 18.23
CA GLY B 160 32.32 23.21 18.74
C GLY B 160 31.16 22.31 18.43
N LEU B 161 30.24 22.74 17.58
CA LEU B 161 29.07 21.96 17.19
C LEU B 161 29.09 21.73 15.68
N SER B 162 28.71 20.53 15.27
CA SER B 162 28.43 20.21 13.88
C SER B 162 27.02 19.65 13.84
N TYR B 163 26.20 20.14 12.90
CA TYR B 163 24.81 19.73 12.91
C TYR B 163 24.18 19.96 11.55
N SER B 164 23.19 19.15 11.23
CA SER B 164 22.46 19.30 9.98
C SER B 164 21.39 20.38 10.14
N LEU B 165 21.38 21.32 9.20
CA LEU B 165 20.32 22.31 9.04
C LEU B 165 20.18 22.43 7.53
N SER B 166 19.44 21.49 6.94
CA SER B 166 19.64 21.13 5.54
C SER B 166 18.44 21.34 4.63
N GLU B 167 17.40 22.02 5.09
CA GLU B 167 16.30 22.27 4.17
C GLU B 167 16.67 23.42 3.24
N PRO B 168 16.45 23.29 1.92
CA PRO B 168 15.81 22.14 1.28
C PRO B 168 16.77 21.02 0.87
N HIS B 169 17.97 21.35 0.39
CA HIS B 169 18.81 20.37 -0.30
C HIS B 169 20.24 20.36 0.24
N GLY B 170 20.39 20.41 1.55
CA GLY B 170 21.71 20.40 2.15
C GLY B 170 22.16 19.03 2.63
N THR B 171 21.24 18.09 2.76
CA THR B 171 21.60 16.79 3.33
C THR B 171 22.62 16.08 2.46
N ARG B 172 22.54 16.24 1.14
CA ARG B 172 23.50 15.65 0.21
C ARG B 172 24.93 16.08 0.50
N GLY B 173 25.13 17.11 1.34
CA GLY B 173 26.48 17.51 1.68
C GLY B 173 27.19 16.47 2.54
N PHE B 174 26.48 15.80 3.42
CA PHE B 174 27.10 14.85 4.33
C PHE B 174 26.57 13.44 4.19
N LEU B 175 25.60 13.20 3.31
CA LEU B 175 24.98 11.88 3.16
C LEU B 175 24.59 11.67 1.70
N PRO B 176 25.17 10.68 1.01
CA PRO B 176 24.66 10.33 -0.32
C PRO B 176 23.20 9.92 -0.20
N CYS B 177 22.33 10.67 -0.89
CA CYS B 177 20.91 10.45 -0.69
C CYS B 177 20.14 10.86 -1.93
N ASN B 178 18.89 10.42 -1.99
CA ASN B 178 17.90 10.91 -2.93
C ASN B 178 17.32 12.16 -2.29
N ASP B 179 17.95 13.31 -2.55
CA ASP B 179 17.75 14.50 -1.72
C ASP B 179 16.54 15.29 -2.23
N HIS B 180 15.36 14.72 -2.00
CA HIS B 180 14.12 15.35 -2.44
C HIS B 180 12.98 14.90 -1.55
N PRO B 181 12.09 15.81 -1.15
CA PRO B 181 11.07 15.44 -0.15
C PRO B 181 10.01 14.49 -0.67
N SER B 182 9.92 14.26 -1.98
CA SER B 182 8.98 13.25 -2.49
C SER B 182 9.41 11.84 -2.12
N ASP B 183 10.60 11.65 -1.57
CA ASP B 183 11.11 10.32 -1.24
C ASP B 183 11.60 10.27 0.20
N PRO B 184 10.69 10.32 1.17
CA PRO B 184 11.07 10.14 2.57
C PRO B 184 11.54 8.72 2.82
N ALA B 185 12.19 8.53 3.97
CA ALA B 185 12.71 7.23 4.32
C ALA B 185 12.91 7.15 5.83
N THR B 186 13.07 5.94 6.32
CA THR B 186 13.51 5.76 7.70
C THR B 186 15.03 5.88 7.75
N PHE B 187 15.56 6.10 8.95
CA PHE B 187 16.98 6.35 9.17
C PHE B 187 17.43 5.61 10.42
N THR B 188 18.56 4.93 10.33
CA THR B 188 19.32 4.50 11.50
C THR B 188 20.68 5.17 11.40
N VAL B 189 21.04 5.92 12.44
CA VAL B 189 22.25 6.71 12.44
C VAL B 189 23.13 6.22 13.58
N ARG B 190 24.33 5.79 13.23
CA ARG B 190 25.39 5.50 14.20
C ARG B 190 26.42 6.59 14.06
N VAL B 191 26.62 7.39 15.11
CA VAL B 191 27.52 8.53 15.06
C VAL B 191 28.70 8.26 15.98
N THR B 192 29.91 8.35 15.45
CA THR B 192 31.13 8.17 16.22
C THR B 192 31.79 9.52 16.44
N VAL B 193 32.07 9.82 17.71
CA VAL B 193 32.56 11.13 18.11
C VAL B 193 33.60 10.95 19.19
N PRO B 194 34.41 11.98 19.44
CA PRO B 194 35.36 11.91 20.56
C PRO B 194 34.63 11.62 21.86
N ALA B 195 35.33 10.91 22.76
CA ALA B 195 34.72 10.47 24.01
C ALA B 195 34.17 11.64 24.82
N SER B 196 34.80 12.81 24.69
CA SER B 196 34.37 14.00 25.42
C SER B 196 33.13 14.64 24.82
N ALA B 197 32.75 14.29 23.61
CA ALA B 197 31.59 14.88 22.95
C ALA B 197 30.39 13.95 23.08
N SER B 198 29.24 14.45 22.64
CA SER B 198 28.06 13.60 22.54
C SER B 198 27.38 13.81 21.21
N ALA B 199 26.22 13.20 21.03
CA ALA B 199 25.52 13.32 19.76
C ALA B 199 24.04 13.10 19.98
N ALA B 200 23.25 13.60 19.04
CA ALA B 200 21.80 13.37 19.01
C ALA B 200 21.38 13.38 17.56
N ALA B 201 20.61 12.38 17.15
CA ALA B 201 20.00 12.34 15.83
C ALA B 201 18.53 12.02 15.98
N SER B 202 17.75 12.33 14.95
CA SER B 202 16.35 11.95 14.97
C SER B 202 16.23 10.46 15.25
N GLY B 203 15.26 10.09 16.09
CA GLY B 203 15.03 8.69 16.36
C GLY B 203 15.23 8.30 17.81
N LEU B 204 14.73 7.12 18.18
CA LEU B 204 14.93 6.62 19.53
C LEU B 204 16.41 6.33 19.75
N PHE B 205 16.97 6.86 20.85
CA PHE B 205 18.34 6.56 21.21
C PHE B 205 18.39 5.16 21.80
N THR B 206 19.19 4.29 21.20
CA THR B 206 19.27 2.90 21.63
C THR B 206 20.57 2.65 22.39
N THR B 207 21.71 2.60 21.71
CA THR B 207 22.95 2.16 22.33
C THR B 207 24.00 3.26 22.31
N GLN B 208 24.93 3.18 23.25
CA GLN B 208 26.14 3.98 23.25
C GLN B 208 27.28 3.08 23.68
N THR B 209 28.31 2.99 22.84
CA THR B 209 29.51 2.24 23.15
C THR B 209 30.73 3.16 23.05
N GLU B 210 31.82 2.71 23.66
CA GLU B 210 33.03 3.52 23.70
C GLU B 210 34.23 2.60 23.58
N ARG B 211 35.19 3.01 22.74
CA ARG B 211 36.41 2.23 22.56
C ARG B 211 37.46 3.12 21.93
N ASN B 212 38.70 3.01 22.42
CA ASN B 212 39.83 3.76 21.89
C ASN B 212 39.57 5.27 21.92
N GLY B 213 38.88 5.73 22.96
CA GLY B 213 38.62 7.14 23.13
C GLY B 213 37.53 7.70 22.22
N LEU B 214 36.76 6.84 21.55
CA LEU B 214 35.67 7.24 20.67
C LEU B 214 34.36 6.67 21.18
N LYS B 215 33.31 7.49 21.17
CA LYS B 215 31.96 7.02 21.48
C LYS B 215 31.15 6.88 20.21
N THR B 216 30.28 5.87 20.19
CA THR B 216 29.34 5.66 19.09
C THR B 216 27.93 5.60 19.67
N LEU B 217 27.07 6.50 19.24
CA LEU B 217 25.67 6.53 19.66
C LEU B 217 24.77 6.16 18.50
N THR B 218 23.74 5.37 18.77
CA THR B 218 22.84 4.87 17.74
C THR B 218 21.42 5.39 17.97
N PHE B 219 20.81 5.87 16.88
CA PHE B 219 19.45 6.41 16.90
C PHE B 219 18.65 5.80 15.76
N THR B 220 17.40 5.46 16.04
CA THR B 220 16.53 4.78 15.09
C THR B 220 15.30 5.63 14.83
N GLN B 221 15.26 6.24 13.65
CA GLN B 221 14.08 6.97 13.17
C GLN B 221 13.20 5.98 12.43
N ARG B 222 12.09 5.60 13.04
CA ARG B 222 11.31 4.47 12.51
C ARG B 222 10.12 4.89 11.68
N VAL B 223 9.78 6.17 11.61
CA VAL B 223 8.75 6.62 10.68
C VAL B 223 9.43 7.43 9.59
N PRO B 224 9.02 7.30 8.34
CA PRO B 224 9.79 7.90 7.23
C PRO B 224 9.58 9.41 7.17
N VAL B 225 10.67 10.12 6.89
CA VAL B 225 10.65 11.58 6.78
C VAL B 225 11.62 11.99 5.67
N PRO B 226 11.50 13.23 5.19
CA PRO B 226 12.43 13.72 4.17
C PRO B 226 13.86 13.74 4.68
N THR B 227 14.80 13.73 3.73
CA THR B 227 16.22 13.79 4.09
C THR B 227 16.51 14.99 4.99
N TYR B 228 15.97 16.17 4.65
CA TYR B 228 16.31 17.36 5.43
C TYR B 228 15.73 17.29 6.83
N ALA B 229 14.72 16.45 7.06
CA ALA B 229 14.15 16.28 8.39
C ALA B 229 14.97 15.36 9.28
N LEU B 230 16.07 14.81 8.77
CA LEU B 230 16.98 14.05 9.61
C LEU B 230 17.76 15.00 10.51
N GLY B 231 17.47 14.97 11.80
CA GLY B 231 18.23 15.76 12.75
C GLY B 231 19.52 15.05 13.14
N LEU B 232 20.59 15.84 13.26
CA LEU B 232 21.89 15.26 13.58
C LEU B 232 22.76 16.35 14.16
N ILE B 233 23.13 16.22 15.43
CA ILE B 233 23.92 17.23 16.14
C ILE B 233 25.03 16.52 16.90
N VAL B 234 26.24 17.05 16.81
CA VAL B 234 27.37 16.50 17.55
C VAL B 234 28.09 17.63 18.27
N GLY B 235 28.56 17.35 19.47
CA GLY B 235 29.21 18.34 20.28
C GLY B 235 28.87 18.15 21.74
N PRO B 236 29.11 19.17 22.56
CA PRO B 236 28.76 19.07 23.98
C PRO B 236 27.26 19.16 24.18
N LEU B 237 26.62 18.02 24.44
CA LEU B 237 25.17 17.98 24.50
C LEU B 237 24.73 17.24 25.75
N GLU B 238 23.53 17.60 26.21
CA GLU B 238 22.92 17.03 27.39
C GLU B 238 21.53 16.55 27.00
N ARG B 239 21.22 15.31 27.36
CA ARG B 239 19.92 14.72 27.11
C ARG B 239 19.07 14.87 28.36
N ARG B 240 17.87 15.40 28.19
CA ARG B 240 16.98 15.61 29.33
C ARG B 240 15.64 14.97 28.98
N THR B 241 15.31 13.90 29.68
CA THR B 241 14.03 13.25 29.48
C THR B 241 12.94 13.99 30.26
N ALA B 242 11.72 13.87 29.80
CA ALA B 242 10.53 14.30 30.51
C ALA B 242 9.54 13.16 30.50
N PRO B 243 8.46 13.25 31.28
CA PRO B 243 7.47 12.16 31.31
C PRO B 243 6.80 11.96 29.96
N ASP B 244 6.39 10.71 29.72
CA ASP B 244 5.60 10.38 28.54
C ASP B 244 4.34 11.23 28.48
N VAL B 245 3.89 11.50 27.26
CA VAL B 245 2.60 12.16 27.01
C VAL B 245 1.65 11.13 26.42
N GLN B 246 0.44 11.03 27.00
CA GLN B 246 -0.57 10.09 26.54
C GLN B 246 -1.58 10.85 25.68
N LEU B 247 -1.75 10.40 24.44
CA LEU B 247 -2.71 10.99 23.50
C LEU B 247 -3.73 9.90 23.22
N GLY B 248 -4.71 9.78 24.11
CA GLY B 248 -5.62 8.65 24.03
C GLY B 248 -4.86 7.37 24.30
N THR B 249 -4.92 6.42 23.36
CA THR B 249 -4.17 5.18 23.50
C THR B 249 -2.73 5.28 23.02
N GLN B 250 -2.32 6.42 22.44
CA GLN B 250 -0.97 6.61 21.94
C GLN B 250 -0.05 7.19 23.01
N THR B 251 1.16 6.64 23.09
CA THR B 251 2.18 7.12 24.02
C THR B 251 3.28 7.83 23.23
N VAL B 252 3.60 9.06 23.62
CA VAL B 252 4.65 9.84 22.98
C VAL B 252 5.76 10.09 23.99
N HIS B 253 6.97 9.60 23.70
CA HIS B 253 8.09 9.82 24.58
C HIS B 253 8.56 11.27 24.47
N ARG B 254 9.23 11.74 25.52
CA ARG B 254 9.66 13.13 25.61
C ARG B 254 11.12 13.20 26.03
N ARG B 255 11.90 13.95 25.25
CA ARG B 255 13.24 14.32 25.66
C ARG B 255 13.65 15.55 24.87
N ASP B 256 14.45 16.40 25.50
CA ASP B 256 15.01 17.56 24.85
C ASP B 256 16.52 17.48 24.98
N ILE B 257 17.22 18.06 24.01
CA ILE B 257 18.68 18.16 24.03
C ILE B 257 19.03 19.60 24.40
N TYR B 258 19.99 19.75 25.32
CA TYR B 258 20.51 21.05 25.71
C TYR B 258 22.00 21.07 25.41
N ALA B 259 22.39 21.81 24.38
CA ALA B 259 23.81 22.03 24.14
C ALA B 259 24.40 22.91 25.24
N ALA B 260 25.69 22.79 25.45
CA ALA B 260 26.35 23.65 26.43
C ALA B 260 26.35 25.10 25.96
N GLY B 261 26.37 26.02 26.92
CA GLY B 261 26.55 27.44 26.63
C GLY B 261 25.31 28.18 26.19
N LEU B 262 24.12 27.72 26.57
CA LEU B 262 22.91 28.40 26.16
C LEU B 262 22.75 29.71 26.93
N PRO B 263 22.19 30.74 26.30
CA PRO B 263 21.89 31.97 27.02
C PRO B 263 21.01 31.70 28.22
N ALA B 264 21.20 32.51 29.26
CA ALA B 264 20.31 32.42 30.41
C ALA B 264 18.87 32.58 29.96
N GLY B 265 17.99 31.74 30.50
CA GLY B 265 16.58 31.80 30.18
C GLY B 265 16.16 31.02 28.95
N THR B 266 17.00 30.11 28.44
CA THR B 266 16.64 29.28 27.30
C THR B 266 16.01 28.00 27.82
N THR B 267 14.68 27.91 27.77
CA THR B 267 13.98 26.83 28.43
C THR B 267 12.90 26.26 27.51
N VAL B 268 12.41 25.10 27.91
CA VAL B 268 11.15 24.52 27.46
C VAL B 268 10.21 24.53 28.67
N PRO B 269 9.21 25.42 28.71
CA PRO B 269 8.36 25.51 29.89
C PRO B 269 7.71 24.17 30.24
N GLU B 270 7.67 23.86 31.53
CA GLU B 270 7.04 22.64 31.99
C GLU B 270 5.59 22.55 31.51
N GLY B 271 5.20 21.36 31.07
CA GLY B 271 3.85 21.10 30.64
C GLY B 271 3.48 21.58 29.26
N GLU B 272 4.29 22.45 28.65
CA GLU B 272 3.90 23.06 27.38
C GLU B 272 3.86 22.04 26.25
N THR B 273 4.91 21.23 26.12
CA THR B 273 4.95 20.31 24.97
C THR B 273 3.79 19.33 25.00
N ALA B 274 3.40 18.88 26.19
CA ALA B 274 2.24 17.99 26.30
C ALA B 274 0.95 18.71 25.89
N ARG B 275 0.77 19.96 26.33
CA ARG B 275 -0.40 20.73 25.92
C ARG B 275 -0.44 20.89 24.41
N MET B 276 0.70 21.22 23.79
CA MET B 276 0.73 21.43 22.35
C MET B 276 0.42 20.13 21.61
N LEU B 277 0.96 19.00 22.09
CA LEU B 277 0.69 17.73 21.45
C LEU B 277 -0.80 17.41 21.47
N ARG B 278 -1.47 17.69 22.59
CA ARG B 278 -2.91 17.44 22.68
C ARG B 278 -3.68 18.34 21.72
N VAL B 279 -3.40 19.64 21.72
CA VAL B 279 -4.14 20.57 20.87
C VAL B 279 -3.93 20.21 19.40
N LEU B 280 -2.68 19.99 19.00
CA LEU B 280 -2.45 19.72 17.58
C LEU B 280 -2.97 18.35 17.18
N SER B 281 -2.73 17.31 17.99
CA SER B 281 -3.23 15.99 17.61
C SER B 281 -4.76 15.96 17.56
N ASP B 282 -5.44 16.72 18.40
CA ASP B 282 -6.90 16.76 18.31
C ASP B 282 -7.38 17.40 17.01
N TRP B 283 -6.55 18.25 16.39
CA TRP B 283 -6.89 18.88 15.12
C TRP B 283 -6.45 18.05 13.91
N PHE B 284 -5.28 17.40 13.99
CA PHE B 284 -4.64 16.81 12.83
C PHE B 284 -4.71 15.28 12.80
N GLY B 285 -4.94 14.64 13.93
CA GLY B 285 -4.86 13.20 14.03
C GLY B 285 -3.64 12.81 14.84
N PRO B 286 -3.44 11.50 15.04
CA PRO B 286 -2.36 11.03 15.91
C PRO B 286 -1.02 11.66 15.56
N TYR B 287 -0.21 11.92 16.60
CA TYR B 287 1.15 12.39 16.40
C TYR B 287 1.91 11.33 15.61
N PRO B 288 2.64 11.70 14.56
CA PRO B 288 3.19 10.70 13.64
C PRO B 288 4.41 9.93 14.12
N ASP B 289 5.07 10.35 15.20
CA ASP B 289 6.35 9.78 15.60
C ASP B 289 6.24 9.16 16.99
N GLU B 290 7.36 8.63 17.48
CA GLU B 290 7.42 7.97 18.78
C GLU B 290 7.88 8.88 19.90
N VAL B 291 8.52 9.99 19.57
CA VAL B 291 9.14 10.89 20.55
C VAL B 291 9.02 12.30 20.01
N TYR B 292 9.03 13.28 20.91
CA TYR B 292 9.18 14.65 20.48
C TYR B 292 9.99 15.44 21.49
N GLY B 293 10.73 16.42 20.96
CA GLY B 293 11.43 17.39 21.78
C GLY B 293 12.14 18.37 20.88
N VAL B 294 12.94 19.24 21.50
CA VAL B 294 13.76 20.20 20.77
C VAL B 294 15.20 19.99 21.19
N ALA B 295 16.11 20.37 20.30
CA ALA B 295 17.55 20.40 20.59
C ALA B 295 17.93 21.87 20.63
N LEU B 296 18.14 22.40 21.83
CA LEU B 296 18.43 23.81 21.99
C LEU B 296 19.93 24.08 21.79
N LEU B 297 20.25 24.95 20.83
CA LEU B 297 21.63 25.25 20.47
C LEU B 297 21.94 26.72 20.72
N PRO B 298 23.15 27.04 21.15
CA PRO B 298 23.48 28.44 21.43
C PRO B 298 23.85 29.24 20.18
N VAL B 299 23.41 28.78 19.01
CA VAL B 299 23.75 29.42 17.77
C VAL B 299 22.61 30.36 17.39
N ARG B 300 22.83 31.13 16.34
CA ARG B 300 21.86 32.13 15.87
C ARG B 300 21.43 31.68 14.48
N GLN B 301 20.24 31.10 14.39
CA GLN B 301 19.78 30.48 13.15
C GLN B 301 18.29 30.22 13.27
N LEU B 302 17.66 29.93 12.14
CA LEU B 302 16.25 29.56 12.14
C LEU B 302 16.07 28.15 12.70
N ALA B 303 14.92 27.92 13.34
CA ALA B 303 14.60 26.56 13.78
C ALA B 303 14.18 25.71 12.58
N LEU B 304 14.50 24.42 12.65
CA LEU B 304 14.14 23.49 11.59
C LEU B 304 13.46 22.28 12.20
N GLU B 305 12.35 21.88 11.60
CA GLU B 305 11.47 20.83 12.10
C GLU B 305 12.03 19.42 11.91
N THR B 306 13.30 19.21 12.26
CA THR B 306 13.87 17.87 12.16
C THR B 306 13.06 16.87 12.99
N ALA B 307 12.96 15.64 12.47
CA ALA B 307 11.94 14.69 12.92
C ALA B 307 12.09 14.32 14.39
N GLY B 308 11.01 14.51 15.16
CA GLY B 308 10.95 14.14 16.56
C GLY B 308 11.94 14.86 17.45
N LEU B 309 12.70 15.77 16.86
CA LEU B 309 13.77 16.47 17.58
C LEU B 309 14.05 17.74 16.78
N THR B 310 13.28 18.78 17.04
CA THR B 310 13.41 20.02 16.29
C THR B 310 14.75 20.67 16.63
N THR B 311 15.48 21.08 15.61
CA THR B 311 16.74 21.79 15.83
C THR B 311 16.41 23.24 16.13
N MET B 312 16.69 23.68 17.35
CA MET B 312 16.19 24.95 17.88
C MET B 312 17.32 25.84 18.35
N PRO B 313 17.87 26.68 17.47
CA PRO B 313 18.79 27.73 17.92
C PRO B 313 18.11 28.61 18.96
N ALA B 314 18.88 29.04 19.96
CA ALA B 314 18.28 29.74 21.10
C ALA B 314 17.58 31.02 20.66
N THR B 315 18.04 31.65 19.58
CA THR B 315 17.45 32.90 19.10
C THR B 315 16.04 32.70 18.56
N SER B 316 15.69 31.48 18.16
CA SER B 316 14.35 31.18 17.67
C SER B 316 13.45 30.58 18.73
N ASN B 317 13.94 30.39 19.95
CA ASN B 317 13.21 29.60 20.95
C ASN B 317 12.11 30.44 21.58
N ARG B 318 10.94 30.44 20.94
CA ARG B 318 9.76 31.12 21.43
C ARG B 318 8.58 30.16 21.36
N GLU B 319 7.57 30.38 22.22
CA GLU B 319 6.44 29.47 22.29
C GLU B 319 5.83 29.23 20.91
N ARG B 320 5.59 30.31 20.16
CA ARG B 320 4.96 30.17 18.85
C ARG B 320 5.83 29.38 17.89
N VAL B 321 7.15 29.57 17.96
CA VAL B 321 8.05 28.81 17.09
C VAL B 321 8.10 27.35 17.49
N ARG B 322 8.07 27.06 18.80
CA ARG B 322 8.04 25.68 19.23
C ARG B 322 6.77 24.99 18.75
N LEU B 323 5.63 25.69 18.82
CA LEU B 323 4.39 25.17 18.26
C LEU B 323 4.53 24.91 16.76
N HIS B 324 5.01 25.90 16.03
CA HIS B 324 5.17 25.82 14.59
C HIS B 324 5.97 24.58 14.17
N ALA B 325 7.13 24.37 14.81
CA ALA B 325 7.97 23.22 14.45
C ALA B 325 7.28 21.91 14.77
N LEU B 326 6.54 21.84 15.88
CA LEU B 326 5.79 20.63 16.19
C LEU B 326 4.71 20.37 15.15
N ALA B 327 4.04 21.42 14.67
CA ALA B 327 3.04 21.23 13.62
C ALA B 327 3.65 20.64 12.35
N HIS B 328 4.91 20.97 12.05
CA HIS B 328 5.58 20.40 10.89
C HIS B 328 5.77 18.89 10.99
N GLN B 329 5.79 18.32 12.20
CA GLN B 329 5.89 16.88 12.29
C GLN B 329 4.79 16.22 11.49
N TRP B 330 3.60 16.84 11.43
CA TRP B 330 2.56 16.43 10.49
C TRP B 330 2.81 17.02 9.10
N PHE B 331 2.88 18.35 9.02
CA PHE B 331 2.86 19.06 7.74
C PHE B 331 4.29 19.38 7.31
N GLY B 332 4.89 18.41 6.60
CA GLY B 332 6.23 18.56 6.09
C GLY B 332 7.01 17.29 6.31
N ASP B 333 6.92 16.75 7.52
CA ASP B 333 7.65 15.53 7.85
C ASP B 333 6.84 14.27 7.54
N GLN B 334 5.58 14.22 7.95
CA GLN B 334 4.73 13.08 7.62
C GLN B 334 4.10 13.24 6.24
N VAL B 335 3.36 14.33 6.04
CA VAL B 335 2.89 14.73 4.71
C VAL B 335 4.02 15.51 4.04
N THR B 336 4.61 14.93 3.00
CA THR B 336 5.79 15.53 2.38
C THR B 336 5.44 16.09 1.01
N LEU B 337 6.29 17.01 0.54
CA LEU B 337 6.05 17.75 -0.70
C LEU B 337 6.43 16.92 -1.92
N ALA B 338 5.55 16.92 -2.93
CA ALA B 338 5.90 16.35 -4.22
C ALA B 338 6.84 17.25 -5.00
N ASP B 339 6.79 18.56 -4.74
CA ASP B 339 7.57 19.54 -5.48
C ASP B 339 7.86 20.71 -4.56
N TRP B 340 9.08 21.24 -4.60
CA TRP B 340 9.45 22.33 -3.71
C TRP B 340 8.64 23.60 -3.98
N ALA B 341 7.99 23.70 -5.14
CA ALA B 341 7.15 24.86 -5.39
C ALA B 341 5.97 24.95 -4.43
N ASP B 342 5.60 23.84 -3.79
CA ASP B 342 4.43 23.77 -2.92
C ASP B 342 4.78 23.88 -1.43
N THR B 343 5.86 24.60 -1.10
CA THR B 343 6.23 24.71 0.31
C THR B 343 5.11 25.31 1.15
N TRP B 344 4.16 26.03 0.53
CA TRP B 344 3.07 26.59 1.34
C TRP B 344 2.26 25.50 2.02
N LEU B 345 2.25 24.29 1.45
CA LEU B 345 1.55 23.18 2.09
C LEU B 345 2.22 22.79 3.40
N SER B 346 3.52 23.05 3.54
CA SER B 346 4.22 22.85 4.81
C SER B 346 4.16 24.11 5.67
N GLU B 347 4.69 25.23 5.15
CA GLU B 347 4.84 26.43 5.96
C GLU B 347 3.49 27.08 6.26
N GLY B 348 2.56 27.05 5.29
CA GLY B 348 1.26 27.66 5.50
C GLY B 348 0.42 26.89 6.51
N PHE B 349 0.48 25.55 6.46
CA PHE B 349 -0.22 24.73 7.45
C PHE B 349 0.40 24.89 8.83
N ALA B 350 1.73 24.86 8.90
CA ALA B 350 2.39 25.05 10.20
C ALA B 350 2.11 26.44 10.76
N THR B 351 2.05 27.45 9.89
CA THR B 351 1.69 28.79 10.35
C THR B 351 0.26 28.82 10.85
N TYR B 352 -0.67 28.19 10.12
CA TYR B 352 -2.05 28.17 10.60
C TYR B 352 -2.17 27.44 11.93
N ALA B 353 -1.32 26.43 12.18
CA ALA B 353 -1.32 25.79 13.49
C ALA B 353 -1.09 26.79 14.61
N GLU B 354 -0.30 27.84 14.36
CA GLU B 354 -0.07 28.85 15.39
C GLU B 354 -1.38 29.53 15.80
N LEU B 355 -2.30 29.70 14.85
CA LEU B 355 -3.58 30.32 15.17
C LEU B 355 -4.48 29.35 15.91
N LEU B 356 -4.46 28.07 15.53
CA LEU B 356 -5.19 27.06 16.29
C LEU B 356 -4.69 27.01 17.73
N TRP B 357 -3.37 27.05 17.91
CA TRP B 357 -2.80 27.05 19.25
C TRP B 357 -3.23 28.30 20.01
N ALA B 358 -3.10 29.46 19.37
CA ALA B 358 -3.47 30.71 20.04
C ALA B 358 -4.92 30.64 20.54
N GLU B 359 -5.84 30.18 19.69
CA GLU B 359 -7.24 30.09 20.09
C GLU B 359 -7.42 29.09 21.23
N SER B 360 -6.75 27.94 21.17
CA SER B 360 -6.84 26.97 22.26
C SER B 360 -6.42 27.58 23.59
N GLN B 361 -5.58 28.63 23.55
CA GLN B 361 -5.12 29.30 24.75
C GLN B 361 -5.92 30.56 25.07
N GLY B 362 -7.11 30.70 24.47
CA GLY B 362 -8.01 31.80 24.78
C GLY B 362 -7.80 33.07 23.98
N GLU B 363 -6.90 33.06 23.01
CA GLU B 363 -6.56 34.27 22.26
C GLU B 363 -7.49 34.45 21.06
N ASP B 364 -7.44 35.65 20.48
CA ASP B 364 -8.31 36.03 19.36
C ASP B 364 -7.65 35.58 18.06
N GLY B 365 -8.20 34.52 17.46
CA GLY B 365 -7.62 33.99 16.24
C GLY B 365 -7.76 34.94 15.06
N GLN B 366 -8.93 35.59 14.95
CA GLN B 366 -9.15 36.50 13.84
C GLN B 366 -8.15 37.65 13.87
N ALA B 367 -7.82 38.15 15.08
CA ALA B 367 -6.82 39.20 15.19
C ALA B 367 -5.49 38.73 14.63
N MET B 368 -5.12 37.46 14.88
CA MET B 368 -3.90 36.92 14.29
C MET B 368 -4.01 36.86 12.77
N ALA B 369 -5.17 36.43 12.25
CA ALA B 369 -5.36 36.44 10.81
C ALA B 369 -5.18 37.85 10.24
N ALA B 370 -5.71 38.85 10.94
CA ALA B 370 -5.54 40.23 10.48
C ALA B 370 -4.07 40.62 10.46
N ASP B 371 -3.29 40.15 11.44
CA ASP B 371 -1.85 40.39 11.45
C ASP B 371 -1.20 39.81 10.19
N TRP B 372 -1.50 38.54 9.88
CA TRP B 372 -0.99 37.94 8.65
C TRP B 372 -1.30 38.81 7.44
N TYR B 373 -2.53 39.31 7.37
CA TYR B 373 -2.96 40.04 6.18
C TYR B 373 -2.20 41.34 6.05
N ALA B 374 -2.07 42.09 7.16
CA ALA B 374 -1.33 43.34 7.13
C ALA B 374 0.07 43.15 6.57
N ARG B 375 0.73 42.04 6.93
CA ARG B 375 2.06 41.77 6.42
C ARG B 375 2.04 41.54 4.90
N LEU B 376 1.04 40.80 4.40
CA LEU B 376 0.94 40.56 2.95
C LEU B 376 0.50 41.80 2.19
N SER B 377 -0.30 42.66 2.82
CA SER B 377 -0.91 43.78 2.12
C SER B 377 0.10 44.80 1.61
N VAL B 378 1.34 44.75 2.09
CA VAL B 378 2.37 45.69 1.65
C VAL B 378 3.41 45.02 0.77
N LEU B 379 3.14 43.80 0.33
CA LEU B 379 4.00 43.08 -0.59
C LEU B 379 3.21 42.80 -1.87
N PRO B 380 3.90 42.59 -2.99
CA PRO B 380 3.19 42.17 -4.20
C PRO B 380 2.52 40.82 -3.96
N SER B 381 1.50 40.56 -4.76
CA SER B 381 0.78 39.30 -4.64
C SER B 381 1.42 38.27 -5.55
N ARG B 382 1.25 37.00 -5.19
CA ARG B 382 1.70 35.92 -6.06
C ARG B 382 0.81 34.72 -5.78
N PRO B 383 0.61 33.86 -6.78
CA PRO B 383 -0.04 32.57 -6.51
C PRO B 383 0.77 31.77 -5.50
N LEU B 384 0.11 30.79 -4.87
CA LEU B 384 0.77 30.03 -3.81
C LEU B 384 1.85 29.11 -4.36
N ARG B 385 1.66 28.57 -5.56
CA ARG B 385 2.70 27.77 -6.19
C ARG B 385 3.88 28.66 -6.56
N ALA B 386 5.04 28.39 -5.96
CA ALA B 386 6.22 29.19 -6.25
C ALA B 386 6.78 28.85 -7.63
N THR B 387 7.40 29.86 -8.26
CA THR B 387 8.08 29.64 -9.53
C THR B 387 9.59 29.85 -9.45
N ARG B 388 10.10 30.41 -8.36
CA ARG B 388 11.53 30.62 -8.20
C ARG B 388 11.94 30.33 -6.76
N GLU B 389 13.22 29.99 -6.61
CA GLU B 389 13.77 29.63 -5.31
C GLU B 389 13.56 30.74 -4.27
N GLU B 390 13.66 32.00 -4.69
CA GLU B 390 13.50 33.10 -3.75
C GLU B 390 12.11 33.10 -3.09
N GLU B 391 11.14 32.43 -3.70
CA GLU B 391 9.77 32.50 -3.21
C GLU B 391 9.41 31.41 -2.22
N ILE B 392 10.16 30.29 -2.20
CA ILE B 392 9.62 29.11 -1.53
C ILE B 392 9.57 29.28 -0.02
N PHE B 393 10.34 30.22 0.55
CA PHE B 393 10.22 30.53 1.97
C PHE B 393 9.93 32.01 2.20
N ASP B 394 9.19 32.64 1.28
CA ASP B 394 8.85 34.05 1.40
C ASP B 394 7.55 34.21 2.18
N ALA B 395 7.12 35.47 2.33
CA ALA B 395 5.98 35.75 3.20
C ALA B 395 4.71 35.07 2.70
N SER B 396 4.55 34.92 1.39
CA SER B 396 3.35 34.28 0.86
C SER B 396 3.30 32.80 1.24
N ALA B 397 4.45 32.13 1.24
CA ALA B 397 4.46 30.71 1.57
C ALA B 397 3.97 30.48 2.99
N TYR B 398 4.29 31.41 3.90
CA TYR B 398 3.82 31.31 5.28
C TYR B 398 2.42 31.87 5.44
N PHE B 399 2.25 33.16 5.12
CA PHE B 399 1.03 33.85 5.53
C PHE B 399 -0.07 33.79 4.49
N ARG B 400 0.25 33.79 3.19
CA ARG B 400 -0.82 33.58 2.24
C ARG B 400 -1.34 32.15 2.31
N GLY B 401 -0.45 31.20 2.57
CA GLY B 401 -0.90 29.82 2.77
C GLY B 401 -1.80 29.69 3.98
N ALA B 402 -1.43 30.34 5.09
CA ALA B 402 -2.25 30.30 6.30
C ALA B 402 -3.60 30.98 6.08
N LEU B 403 -3.62 32.11 5.38
CA LEU B 403 -4.89 32.79 5.15
C LEU B 403 -5.80 32.00 4.21
N ALA B 404 -5.23 31.29 3.23
CA ALA B 404 -6.02 30.38 2.41
C ALA B 404 -6.73 29.35 3.28
N LEU B 405 -6.03 28.79 4.27
CA LEU B 405 -6.67 27.86 5.18
C LEU B 405 -7.72 28.55 6.03
N HIS B 406 -7.43 29.78 6.46
CA HIS B 406 -8.45 30.52 7.21
C HIS B 406 -9.71 30.69 6.38
N ALA B 407 -9.56 31.06 5.11
CA ALA B 407 -10.71 31.21 4.23
C ALA B 407 -11.51 29.92 4.12
N LEU B 408 -10.82 28.81 3.89
CA LEU B 408 -11.51 27.52 3.82
C LEU B 408 -12.24 27.22 5.13
N ARG B 409 -11.55 27.39 6.26
CA ARG B 409 -12.14 27.12 7.56
C ARG B 409 -13.42 27.94 7.77
N LEU B 410 -13.35 29.24 7.49
CA LEU B 410 -14.52 30.10 7.71
C LEU B 410 -15.67 29.70 6.82
N LYS B 411 -15.36 29.14 5.64
CA LYS B 411 -16.43 28.74 4.72
C LYS B 411 -17.18 27.52 5.23
N VAL B 412 -16.47 26.50 5.73
CA VAL B 412 -17.09 25.22 6.05
C VAL B 412 -17.35 25.02 7.53
N GLY B 413 -16.87 25.91 8.40
CA GLY B 413 -17.08 25.76 9.82
C GLY B 413 -16.05 24.83 10.46
N ASP B 414 -15.95 24.94 11.79
CA ASP B 414 -14.85 24.30 12.50
C ASP B 414 -14.95 22.77 12.47
N ALA B 415 -16.16 22.22 12.65
CA ALA B 415 -16.30 20.76 12.62
C ALA B 415 -15.80 20.20 11.29
N ALA B 416 -16.32 20.72 10.18
CA ALA B 416 -15.89 20.25 8.86
C ALA B 416 -14.41 20.52 8.63
N PHE B 417 -13.92 21.68 9.07
CA PHE B 417 -12.52 22.01 8.85
C PHE B 417 -11.61 21.03 9.57
N GLY B 418 -11.93 20.70 10.83
CA GLY B 418 -11.12 19.73 11.56
C GLY B 418 -11.20 18.35 10.95
N GLN B 419 -12.39 17.93 10.55
CA GLN B 419 -12.49 16.66 9.85
C GLN B 419 -11.65 16.68 8.57
N PHE B 420 -11.64 17.81 7.88
CA PHE B 420 -10.87 17.90 6.64
C PHE B 420 -9.38 17.77 6.90
N LEU B 421 -8.87 18.45 7.95
CA LEU B 421 -7.46 18.31 8.30
C LEU B 421 -7.11 16.86 8.63
N HIS B 422 -7.98 16.16 9.37
CA HIS B 422 -7.74 14.74 9.61
C HIS B 422 -7.67 13.97 8.29
N SER B 423 -8.63 14.22 7.39
CA SER B 423 -8.66 13.50 6.11
C SER B 423 -7.46 13.85 5.25
N TYR B 424 -7.05 15.12 5.28
CA TYR B 424 -5.89 15.55 4.51
C TYR B 424 -4.65 14.77 4.91
N VAL B 425 -4.39 14.65 6.21
CA VAL B 425 -3.22 13.92 6.67
C VAL B 425 -3.31 12.46 6.22
N LYS B 426 -4.48 11.84 6.40
CA LYS B 426 -4.62 10.45 5.97
C LYS B 426 -4.46 10.33 4.46
N THR B 427 -5.08 11.24 3.71
CA THR B 427 -5.03 11.16 2.25
C THR B 427 -3.59 11.17 1.75
N PHE B 428 -2.73 11.95 2.39
CA PHE B 428 -1.37 12.13 1.92
C PHE B 428 -0.33 11.47 2.83
N THR B 429 -0.74 10.44 3.57
CA THR B 429 0.22 9.59 4.26
C THR B 429 0.78 8.59 3.25
N GLY B 430 2.10 8.56 3.10
CA GLY B 430 2.72 7.72 2.09
C GLY B 430 2.59 8.22 0.67
N ARG B 431 2.07 9.43 0.47
CA ARG B 431 1.76 9.96 -0.85
C ARG B 431 2.07 11.45 -0.88
N PRO B 432 3.14 11.88 -1.56
CA PRO B 432 3.52 13.29 -1.53
C PRO B 432 2.40 14.18 -2.02
N VAL B 433 2.22 15.33 -1.36
CA VAL B 433 1.08 16.20 -1.59
C VAL B 433 1.44 17.25 -2.64
N SER B 434 0.41 17.74 -3.32
CA SER B 434 0.53 18.83 -4.28
C SER B 434 -0.68 19.74 -4.13
N THR B 435 -0.52 20.97 -4.60
CA THR B 435 -1.64 21.91 -4.57
C THR B 435 -2.83 21.40 -5.36
N THR B 436 -2.58 20.80 -6.53
CA THR B 436 -3.67 20.25 -7.34
C THR B 436 -4.40 19.14 -6.59
N ALA B 437 -3.65 18.24 -5.94
CA ALA B 437 -4.29 17.16 -5.19
C ALA B 437 -5.10 17.72 -4.02
N LEU B 438 -4.58 18.74 -3.34
CA LEU B 438 -5.33 19.38 -2.26
C LEU B 438 -6.65 19.93 -2.78
N LEU B 439 -6.62 20.67 -3.90
CA LEU B 439 -7.85 21.21 -4.46
C LEU B 439 -8.83 20.10 -4.80
N THR B 440 -8.35 19.00 -5.38
CA THR B 440 -9.23 17.88 -5.66
C THR B 440 -9.87 17.35 -4.37
N LEU B 441 -9.09 17.21 -3.31
CA LEU B 441 -9.64 16.71 -2.06
C LEU B 441 -10.71 17.63 -1.50
N VAL B 442 -10.47 18.95 -1.54
CA VAL B 442 -11.48 19.88 -1.07
C VAL B 442 -12.75 19.74 -1.90
N LYS B 443 -12.61 19.68 -3.22
CA LYS B 443 -13.77 19.54 -4.10
C LYS B 443 -14.58 18.29 -3.75
N THR B 444 -13.88 17.17 -3.58
CA THR B 444 -14.54 15.89 -3.33
C THR B 444 -15.15 15.84 -1.94
N GLN B 445 -14.40 16.32 -0.94
CA GLN B 445 -14.86 16.24 0.44
C GLN B 445 -15.84 17.35 0.78
N LEU B 446 -15.58 18.57 0.30
CA LEU B 446 -16.33 19.71 0.78
C LEU B 446 -17.19 20.41 -0.26
N GLY B 447 -16.99 20.15 -1.55
CA GLY B 447 -17.85 20.72 -2.57
C GLY B 447 -17.20 21.86 -3.32
N ALA B 448 -17.88 22.29 -4.38
CA ALA B 448 -17.30 23.26 -5.31
C ALA B 448 -17.12 24.63 -4.66
N GLU B 449 -18.05 25.05 -3.80
CA GLU B 449 -17.88 26.36 -3.19
C GLU B 449 -16.63 26.41 -2.33
N ALA B 450 -16.38 25.36 -1.56
CA ALA B 450 -15.17 25.31 -0.75
C ALA B 450 -13.93 25.27 -1.62
N GLU B 451 -13.97 24.47 -2.70
CA GLU B 451 -12.84 24.43 -3.62
C GLU B 451 -12.57 25.78 -4.24
N GLN B 452 -13.63 26.50 -4.64
CA GLN B 452 -13.44 27.82 -5.24
C GLN B 452 -12.90 28.82 -4.23
N THR B 453 -13.36 28.74 -2.97
CA THR B 453 -12.83 29.60 -1.93
C THR B 453 -11.33 29.44 -1.80
N LEU B 454 -10.86 28.18 -1.84
CA LEU B 454 -9.41 27.94 -1.74
C LEU B 454 -8.72 28.38 -3.03
N ARG B 455 -9.35 28.14 -4.17
CA ARG B 455 -8.71 28.38 -5.46
C ARG B 455 -8.37 29.85 -5.66
N VAL B 456 -9.23 30.76 -5.20
CA VAL B 456 -8.92 32.18 -5.34
C VAL B 456 -7.63 32.51 -4.59
N TRP B 457 -7.40 31.85 -3.45
CA TRP B 457 -6.16 32.10 -2.73
C TRP B 457 -4.98 31.38 -3.37
N VAL B 458 -5.23 30.18 -3.92
CA VAL B 458 -4.15 29.41 -4.53
C VAL B 458 -3.74 30.02 -5.86
N GLU B 459 -4.72 30.25 -6.72
CA GLU B 459 -4.53 30.84 -8.03
C GLU B 459 -4.92 32.31 -7.94
N GLY B 460 -4.92 32.99 -9.07
CA GLY B 460 -5.46 34.34 -9.01
C GLY B 460 -4.37 35.31 -8.68
N ARG B 461 -4.37 36.42 -9.43
CA ARG B 461 -3.25 37.35 -9.41
C ARG B 461 -3.31 38.32 -8.25
N THR B 462 -4.46 38.50 -7.62
CA THR B 462 -4.65 39.47 -6.54
C THR B 462 -4.66 38.81 -5.16
N LEU B 463 -4.31 39.61 -4.16
CA LEU B 463 -4.50 39.17 -2.78
C LEU B 463 -5.99 39.27 -2.46
N PRO B 464 -6.67 38.18 -2.12
CA PRO B 464 -8.11 38.27 -1.82
C PRO B 464 -8.35 39.07 -0.57
N PRO B 465 -9.60 39.46 -0.31
CA PRO B 465 -9.90 40.19 0.92
C PRO B 465 -9.67 39.32 2.15
N LEU B 466 -9.44 39.99 3.27
CA LEU B 466 -9.20 39.28 4.52
C LEU B 466 -10.40 38.39 4.85
N PRO B 467 -10.20 37.09 5.09
CA PRO B 467 -11.33 36.24 5.48
C PRO B 467 -11.80 36.61 6.88
N GLU B 468 -13.08 36.93 6.99
CA GLU B 468 -13.73 37.38 8.21
C GLU B 468 -15.00 36.60 8.49
N PRO B 469 -15.38 36.46 9.76
CA PRO B 469 -16.58 35.73 10.17
C PRO B 469 -17.83 36.15 9.42
ZN ZN C . -5.34 -24.32 -9.92
N TYR D . -5.29 -20.42 -10.02
CA TYR D . -4.49 -20.78 -11.19
C TYR D . -4.39 -22.29 -11.27
O TYR D . -3.35 -22.83 -11.62
CB TYR D . -3.10 -20.14 -11.12
CG TYR D . -3.20 -18.63 -11.12
CD1 TYR D . -3.67 -17.95 -12.25
CD2 TYR D . -2.85 -17.88 -10.01
CE1 TYR D . -3.78 -16.59 -12.26
CE2 TYR D . -2.96 -16.51 -10.01
CZ TYR D . -3.43 -15.87 -11.14
OH TYR D . -3.56 -14.50 -11.16
OXT TYR D . -5.37 -22.96 -10.97
H1 TYR D . -6.07 -20.80 -10.00
H2 TYR D . -5.13 -21.05 -9.32
H3 TYR D . -5.06 -19.55 -9.72
HA TYR D . -4.94 -20.46 -11.99
HB2 TYR D . -2.66 -20.41 -10.31
HB3 TYR D . -2.59 -20.41 -11.91
HD1 TYR D . -3.91 -18.43 -13.00
HD2 TYR D . -2.54 -18.33 -9.25
HE1 TYR D . -4.10 -16.15 -13.01
HE2 TYR D . -2.72 -16.02 -9.25
HH TYR D . -3.31 -14.18 -10.42
NA NA E . -19.21 -12.62 2.80
ZN ZN F . 7.84 26.25 9.07
N TYR G . 11.45 25.25 7.77
CA TYR G . 11.70 26.44 8.58
C TYR G . 10.38 26.96 9.10
O TYR G . 10.08 28.15 9.05
CB TYR G . 12.45 27.50 7.77
CG TYR G . 13.78 26.98 7.32
CD1 TYR G . 14.75 26.63 8.26
CD2 TYR G . 14.07 26.78 5.97
CE1 TYR G . 15.97 26.12 7.88
CE2 TYR G . 15.30 26.28 5.58
CZ TYR G . 16.25 25.94 6.54
OH TYR G . 17.47 25.42 6.18
OXT TYR G . 9.61 26.15 9.58
H1 TYR G . 11.06 24.62 8.20
H2 TYR G . 11.07 25.51 6.94
H3 TYR G . 12.27 24.79 7.62
HA TYR G . 12.25 26.20 9.35
HB2 TYR G . 11.93 27.73 6.98
HB3 TYR G . 12.59 28.29 8.31
HD1 TYR G . 14.56 26.74 9.16
HD2 TYR G . 13.44 27.01 5.33
HE1 TYR G . 16.60 25.89 8.52
HE2 TYR G . 15.48 26.15 4.67
HH TYR G . 17.54 25.36 5.35
NA NA H . 11.05 6.33 0.18
#